data_3TZZ
#
_entry.id   3TZZ
#
_cell.length_a   106.331
_cell.length_b   106.331
_cell.length_c   261.688
_cell.angle_alpha   90.00
_cell.angle_beta   90.00
_cell.angle_gamma   90.00
#
_symmetry.space_group_name_H-M   'P 41 21 2'
#
loop_
_entity.id
_entity.type
_entity.pdbx_description
1 polymer 'Polyketide synthase PKS13'
2 polymer '12-mer peptide'
3 non-polymer 'tetradecylpropanedioic acid'
4 non-polymer GLYCEROL
5 non-polymer 2-(2-METHOXYETHOXY)ETHANOL
6 non-polymer 'SULFATE ION'
7 water water
#
loop_
_entity_poly.entity_id
_entity_poly.type
_entity_poly.pdbx_seq_one_letter_code
_entity_poly.pdbx_strand_id
1 'polypeptide(L)'
;GSHMRFDEFGNIITDSAVAEEPEPELPGVTEEALRLKEAALEELAAQEVTAPLVPLAVSAFLTSRKKAAAAELADWMQSP
EGQASSLESIGRSLSRRNHGRSRAVVLAHDHDEAIKGLRAVAAGKQAPNVFSVDGPVTTGPVWVLAGFGAQHRKMGKSLY
LRNEVFAAWIEKVDALVQDELGYSVLELILDDAQDYGIETTQVTIFAIQIALGELLRHHGAKPAAVIGQSLGEAASAYFA
GGLSLRDATRAICSRSHLMGEGEAMLFGEYIRLMALVEYSADEIREVFSDFPDLEVCVYAAPTQTVIGGPPEQVDAILAR
AEAEGKFARKFATKGASHTSQMDPLLGELTAELQGIKPTSPTCGIFSTVHEGRYIKPGGEPIHDVEYWKKGLRHSVYFTH
GIRNAVDSGHTTFLELAPNPVALMQVALTTADAGLHDAQLIPTLARKQDEVSSMVSTMAQLYVYGHDLDIRTLFSRASGP
QDYANIPPTRF
;
A,B
2 'polypeptide(L)' SDKENFWGMAVA C
#
# COMPACT_ATOMS: atom_id res chain seq x y z
N LEU A 26 49.33 10.06 -11.65
CA LEU A 26 47.91 10.35 -11.25
C LEU A 26 47.77 11.55 -10.31
N PRO A 27 46.72 12.37 -10.51
CA PRO A 27 46.47 13.52 -9.64
C PRO A 27 46.04 13.12 -8.23
N GLY A 28 46.50 13.87 -7.22
CA GLY A 28 46.12 13.61 -5.83
C GLY A 28 44.78 14.24 -5.46
N VAL A 29 44.42 14.14 -4.18
CA VAL A 29 43.22 14.76 -3.66
C VAL A 29 43.33 16.29 -3.73
N THR A 30 42.42 16.92 -4.48
CA THR A 30 42.42 18.37 -4.72
C THR A 30 42.30 19.20 -3.43
N GLU A 31 42.94 20.38 -3.43
CA GLU A 31 42.89 21.27 -2.26
C GLU A 31 41.45 21.56 -1.82
N GLU A 32 40.55 21.74 -2.79
CA GLU A 32 39.16 21.99 -2.48
C GLU A 32 38.53 20.82 -1.72
N ALA A 33 38.84 19.60 -2.14
CA ALA A 33 38.35 18.42 -1.43
C ALA A 33 38.86 18.44 0.01
N LEU A 34 40.16 18.72 0.19
CA LEU A 34 40.78 18.79 1.53
C LEU A 34 40.07 19.80 2.43
N ARG A 35 39.76 20.96 1.86
CA ARG A 35 39.03 22.00 2.56
C ARG A 35 37.66 21.50 3.00
N LEU A 36 36.89 20.99 2.05
CA LEU A 36 35.55 20.44 2.30
C LEU A 36 35.57 19.33 3.34
N LYS A 37 36.62 18.50 3.28
CA LYS A 37 36.82 17.41 4.22
C LYS A 37 37.08 17.95 5.63
N GLU A 38 37.99 18.91 5.76
CA GLU A 38 38.24 19.60 7.06
C GLU A 38 36.92 20.05 7.67
N ALA A 39 36.08 20.69 6.85
CA ALA A 39 34.78 21.22 7.29
C ALA A 39 33.79 20.12 7.59
N ALA A 40 33.82 19.05 6.81
CA ALA A 40 32.97 17.90 7.08
C ALA A 40 33.29 17.22 8.42
N LEU A 41 34.58 16.99 8.68
CA LEU A 41 35.04 16.42 9.96
C LEU A 41 34.78 17.36 11.14
N GLU A 42 34.80 18.67 10.88
CA GLU A 42 34.40 19.66 11.87
C GLU A 42 32.94 19.52 12.24
N GLU A 43 32.09 19.46 11.21
CA GLU A 43 30.66 19.22 11.38
C GLU A 43 30.44 17.90 12.14
N LEU A 44 31.21 16.89 11.76
CA LEU A 44 31.06 15.56 12.34
C LEU A 44 31.44 15.55 13.82
N ALA A 45 32.60 16.13 14.14
CA ALA A 45 33.06 16.20 15.54
C ALA A 45 32.00 16.78 16.48
N ALA A 46 31.21 17.71 15.97
CA ALA A 46 30.23 18.44 16.79
C ALA A 46 28.85 17.77 16.92
N GLN A 47 28.68 16.57 16.38
CA GLN A 47 27.40 15.88 16.48
C GLN A 47 27.28 15.07 17.76
N GLU A 48 26.06 14.87 18.23
CA GLU A 48 25.80 13.93 19.31
C GLU A 48 26.26 12.56 18.83
N VAL A 49 27.00 11.86 19.68
CA VAL A 49 27.58 10.56 19.30
C VAL A 49 26.58 9.42 19.50
N THR A 50 26.11 8.85 18.39
CA THR A 50 25.15 7.74 18.44
C THR A 50 25.86 6.42 18.68
N ALA A 51 25.19 5.53 19.41
CA ALA A 51 25.69 4.19 19.68
C ALA A 51 25.84 3.36 18.38
N PRO A 52 27.05 2.80 18.16
CA PRO A 52 27.32 1.98 16.98
C PRO A 52 26.40 0.79 16.92
N LEU A 53 26.20 0.23 15.74
CA LEU A 53 25.50 -1.05 15.60
C LEU A 53 26.50 -2.23 15.72
N VAL A 54 26.20 -3.14 16.63
CA VAL A 54 27.11 -4.23 16.93
C VAL A 54 26.49 -5.57 16.51
N PRO A 55 27.20 -6.30 15.64
CA PRO A 55 26.83 -7.62 15.19
C PRO A 55 27.30 -8.70 16.18
N LEU A 56 26.34 -9.40 16.77
CA LEU A 56 26.57 -10.48 17.73
C LEU A 56 26.25 -11.82 17.09
N ALA A 57 27.29 -12.60 16.79
CA ALA A 57 27.13 -13.89 16.12
C ALA A 57 26.95 -15.07 17.11
N VAL A 58 26.18 -16.06 16.70
CA VAL A 58 25.92 -17.24 17.49
C VAL A 58 25.69 -18.37 16.48
N SER A 59 26.43 -19.46 16.62
CA SER A 59 26.26 -20.58 15.73
C SER A 59 26.47 -21.93 16.42
N ALA A 60 26.18 -23.00 15.69
CA ALA A 60 26.30 -24.38 16.14
C ALA A 60 26.12 -25.30 14.93
N PHE A 61 26.41 -26.59 15.09
CA PHE A 61 26.05 -27.55 14.04
C PHE A 61 24.53 -27.73 14.01
N LEU A 62 23.90 -27.53 15.16
CA LEU A 62 22.48 -27.78 15.32
C LEU A 62 21.74 -26.52 15.72
N THR A 63 20.59 -26.32 15.10
CA THR A 63 19.72 -25.19 15.40
C THR A 63 19.33 -25.17 16.88
N SER A 64 19.02 -26.35 17.41
CA SER A 64 18.62 -26.51 18.81
C SER A 64 19.72 -26.03 19.76
N ARG A 65 20.96 -26.38 19.42
CA ARG A 65 22.16 -25.95 20.15
C ARG A 65 22.35 -24.45 19.99
N LYS A 66 22.20 -23.97 18.75
CA LYS A 66 22.21 -22.55 18.44
C LYS A 66 21.19 -21.80 19.28
N LYS A 67 19.95 -22.31 19.31
CA LYS A 67 18.89 -21.67 20.10
C LYS A 67 19.26 -21.55 21.58
N ALA A 68 19.68 -22.66 22.18
CA ALA A 68 20.05 -22.67 23.61
C ALA A 68 21.27 -21.78 23.91
N ALA A 69 22.23 -21.74 22.99
CA ALA A 69 23.40 -20.88 23.13
C ALA A 69 23.01 -19.40 23.15
N ALA A 70 22.03 -19.04 22.32
CA ALA A 70 21.47 -17.68 22.35
C ALA A 70 20.81 -17.38 23.68
N ALA A 71 20.15 -18.40 24.25
CA ALA A 71 19.53 -18.33 25.58
C ALA A 71 20.53 -18.10 26.70
N GLU A 72 21.58 -18.93 26.76
CA GLU A 72 22.60 -18.76 27.78
C GLU A 72 23.22 -17.38 27.70
N LEU A 73 23.64 -17.01 26.49
CA LEU A 73 24.25 -15.72 26.21
C LEU A 73 23.38 -14.54 26.65
N ALA A 74 22.09 -14.60 26.43
CA ALA A 74 21.17 -13.55 26.90
C ALA A 74 21.04 -13.52 28.42
N ASP A 75 20.97 -14.71 29.02
CA ASP A 75 20.85 -14.87 30.47
C ASP A 75 22.02 -14.17 31.13
N TRP A 76 23.23 -14.57 30.73
CA TRP A 76 24.45 -13.99 31.22
C TRP A 76 24.53 -12.50 30.99
N MET A 77 24.05 -12.04 29.83
CA MET A 77 24.03 -10.60 29.54
C MET A 77 23.11 -9.84 30.49
N GLN A 78 22.11 -10.53 31.06
CA GLN A 78 21.22 -9.91 32.04
C GLN A 78 21.91 -9.73 33.41
N SER A 79 23.06 -10.38 33.59
CA SER A 79 23.74 -10.41 34.87
C SER A 79 24.73 -9.26 35.00
N PRO A 80 24.99 -8.81 36.25
CA PRO A 80 25.93 -7.73 36.48
C PRO A 80 27.24 -7.88 35.68
N GLU A 81 27.92 -9.02 35.75
CA GLU A 81 29.15 -9.12 34.96
C GLU A 81 28.87 -8.79 33.48
N GLY A 82 27.79 -9.36 32.94
CA GLY A 82 27.40 -9.13 31.55
C GLY A 82 27.01 -7.70 31.27
N GLN A 83 26.18 -7.14 32.16
CA GLN A 83 25.79 -5.75 32.06
C GLN A 83 27.00 -4.82 32.08
N ALA A 84 28.07 -5.22 32.75
CA ALA A 84 29.29 -4.40 32.79
C ALA A 84 30.24 -4.58 31.59
N SER A 85 29.93 -5.49 30.67
CA SER A 85 30.79 -5.71 29.49
C SER A 85 30.23 -4.98 28.27
N SER A 86 31.07 -4.17 27.62
CA SER A 86 30.68 -3.44 26.42
C SER A 86 30.21 -4.42 25.35
N LEU A 87 29.11 -4.08 24.68
CA LEU A 87 28.62 -4.83 23.53
C LEU A 87 29.71 -5.15 22.53
N GLU A 88 30.59 -4.19 22.27
CA GLU A 88 31.73 -4.43 21.39
C GLU A 88 32.61 -5.61 21.87
N SER A 89 32.94 -5.64 23.16
CA SER A 89 33.80 -6.68 23.72
C SER A 89 33.14 -8.05 23.61
N ILE A 90 31.82 -8.08 23.80
CA ILE A 90 31.01 -9.29 23.65
C ILE A 90 30.98 -9.81 22.22
N GLY A 91 30.81 -8.91 21.25
CA GLY A 91 30.74 -9.27 19.86
C GLY A 91 32.09 -9.73 19.37
N ARG A 92 33.16 -9.05 19.81
CA ARG A 92 34.51 -9.49 19.49
C ARG A 92 34.72 -10.97 19.88
N SER A 93 34.41 -11.33 21.13
CA SER A 93 34.61 -12.72 21.59
C SER A 93 33.75 -13.65 20.74
N LEU A 94 32.47 -13.29 20.58
CA LEU A 94 31.55 -14.06 19.74
C LEU A 94 32.12 -14.30 18.33
N SER A 95 32.82 -13.31 17.78
CA SER A 95 33.30 -13.44 16.42
C SER A 95 34.50 -14.40 16.32
N ARG A 96 35.00 -14.83 17.47
CA ARG A 96 36.18 -15.69 17.52
C ARG A 96 35.83 -17.17 17.74
N ARG A 97 34.57 -17.48 18.05
CA ARG A 97 34.13 -18.88 18.13
C ARG A 97 34.16 -19.52 16.75
N ASN A 98 34.02 -20.85 16.71
CA ASN A 98 33.89 -21.58 15.46
C ASN A 98 32.52 -21.26 14.89
N HIS A 99 32.48 -21.02 13.59
CA HIS A 99 31.22 -20.65 12.96
C HIS A 99 30.57 -21.83 12.31
N GLY A 100 29.52 -22.33 12.97
CA GLY A 100 28.79 -23.53 12.53
C GLY A 100 27.87 -23.36 11.33
N ARG A 101 27.17 -24.45 11.00
CA ARG A 101 26.33 -24.52 9.80
C ARG A 101 25.04 -23.77 10.05
N SER A 102 24.61 -23.75 11.30
CA SER A 102 23.39 -23.06 11.72
C SER A 102 23.73 -21.73 12.39
N ARG A 103 23.33 -20.63 11.76
CA ARG A 103 23.86 -19.33 12.13
C ARG A 103 22.81 -18.27 12.50
N ALA A 104 23.22 -17.34 13.35
CA ALA A 104 22.38 -16.26 13.79
C ALA A 104 23.19 -15.00 14.05
N VAL A 105 22.56 -13.84 13.90
CA VAL A 105 23.15 -12.54 14.24
C VAL A 105 22.09 -11.64 14.84
N VAL A 106 22.39 -11.06 16.00
CA VAL A 106 21.54 -10.01 16.54
C VAL A 106 22.30 -8.71 16.33
N LEU A 107 21.68 -7.75 15.64
CA LEU A 107 22.22 -6.40 15.46
C LEU A 107 21.69 -5.54 16.61
N ALA A 108 22.58 -4.99 17.43
CA ALA A 108 22.12 -4.22 18.59
C ALA A 108 22.96 -3.00 18.89
N HIS A 109 22.31 -1.96 19.42
CA HIS A 109 22.97 -0.71 19.80
C HIS A 109 23.26 -0.69 21.27
N ASP A 110 22.49 -1.44 22.05
CA ASP A 110 22.75 -1.54 23.48
C ASP A 110 22.38 -2.93 24.02
N HIS A 111 22.56 -3.11 25.34
CA HIS A 111 22.32 -4.40 26.00
C HIS A 111 20.91 -4.91 25.90
N ASP A 112 19.94 -4.00 25.98
CA ASP A 112 18.54 -4.40 25.96
C ASP A 112 18.16 -4.92 24.58
N GLU A 113 18.47 -4.14 23.54
CA GLU A 113 18.25 -4.58 22.16
C GLU A 113 18.87 -5.96 21.93
N ALA A 114 20.06 -6.17 22.49
CA ALA A 114 20.77 -7.44 22.34
C ALA A 114 20.04 -8.58 23.04
N ILE A 115 19.65 -8.36 24.29
CA ILE A 115 18.91 -9.34 25.07
C ILE A 115 17.57 -9.67 24.38
N LYS A 116 16.79 -8.64 24.06
CA LYS A 116 15.53 -8.81 23.32
C LYS A 116 15.75 -9.63 22.04
N GLY A 117 16.72 -9.21 21.23
CA GLY A 117 17.08 -9.91 20.02
C GLY A 117 17.44 -11.37 20.25
N LEU A 118 18.22 -11.65 21.29
CA LEU A 118 18.65 -13.01 21.57
C LEU A 118 17.48 -13.91 21.96
N ARG A 119 16.52 -13.36 22.69
CA ARG A 119 15.30 -14.09 23.03
C ARG A 119 14.60 -14.59 21.78
N ALA A 120 14.54 -13.75 20.75
CA ALA A 120 13.96 -14.11 19.47
C ALA A 120 14.70 -15.32 18.88
N VAL A 121 16.00 -15.19 18.72
CA VAL A 121 16.83 -16.32 18.28
C VAL A 121 16.54 -17.57 19.09
N ALA A 122 16.36 -17.38 20.40
CA ALA A 122 16.12 -18.49 21.34
C ALA A 122 14.76 -19.12 21.12
N ALA A 123 13.76 -18.29 20.85
CA ALA A 123 12.39 -18.77 20.62
C ALA A 123 12.15 -19.13 19.14
N GLY A 124 13.17 -18.98 18.32
CA GLY A 124 13.04 -19.15 16.88
C GLY A 124 12.04 -18.18 16.24
N LYS A 125 11.89 -16.99 16.82
CA LYS A 125 10.93 -16.00 16.35
C LYS A 125 11.62 -14.90 15.54
N GLN A 126 10.88 -14.27 14.62
CA GLN A 126 11.41 -13.24 13.72
C GLN A 126 11.38 -11.84 14.33
N ALA A 127 12.35 -11.03 13.92
CA ALA A 127 12.47 -9.62 14.33
C ALA A 127 13.36 -8.88 13.33
N PRO A 128 13.21 -7.54 13.24
CA PRO A 128 13.90 -6.78 12.19
C PRO A 128 15.42 -6.82 12.26
N ASN A 129 15.95 -6.82 13.49
CA ASN A 129 17.38 -6.70 13.74
C ASN A 129 18.03 -8.07 13.92
N VAL A 130 17.22 -9.12 13.77
CA VAL A 130 17.68 -10.49 13.95
C VAL A 130 17.59 -11.31 12.66
N PHE A 131 18.70 -11.91 12.28
CA PHE A 131 18.74 -12.87 11.18
C PHE A 131 19.15 -14.25 11.70
N SER A 132 18.44 -15.31 11.29
CA SER A 132 18.67 -16.67 11.77
C SER A 132 18.18 -17.73 10.80
N VAL A 133 19.13 -18.52 10.30
CA VAL A 133 18.84 -19.52 9.28
C VAL A 133 19.33 -20.91 9.74
N ASP A 134 18.70 -21.99 9.27
CA ASP A 134 19.08 -23.35 9.72
C ASP A 134 20.37 -23.89 9.11
N GLY A 135 20.73 -23.43 7.92
CA GLY A 135 21.95 -23.89 7.27
C GLY A 135 22.41 -22.87 6.24
N PRO A 136 23.63 -23.04 5.71
CA PRO A 136 24.14 -22.06 4.77
C PRO A 136 23.39 -22.14 3.45
N VAL A 137 23.19 -20.98 2.82
CA VAL A 137 22.60 -20.91 1.49
C VAL A 137 23.48 -21.66 0.51
N THR A 138 22.82 -22.42 -0.36
CA THR A 138 23.50 -23.32 -1.27
C THR A 138 24.46 -22.65 -2.24
N THR A 139 24.03 -21.56 -2.89
CA THR A 139 24.84 -20.93 -3.94
C THR A 139 25.30 -19.54 -3.55
N GLY A 140 26.43 -19.13 -4.12
CA GLY A 140 27.05 -17.84 -3.81
C GLY A 140 26.26 -16.64 -4.30
N PRO A 141 26.55 -15.46 -3.74
CA PRO A 141 25.66 -14.32 -3.96
C PRO A 141 25.86 -13.70 -5.32
N VAL A 142 24.79 -13.13 -5.86
CA VAL A 142 24.90 -12.25 -7.04
C VAL A 142 24.99 -10.80 -6.60
N TRP A 143 26.02 -10.13 -7.10
CA TRP A 143 26.13 -8.69 -6.92
C TRP A 143 25.41 -7.97 -8.01
N VAL A 144 24.37 -7.24 -7.61
CA VAL A 144 23.61 -6.39 -8.51
C VAL A 144 24.21 -4.97 -8.51
N LEU A 145 24.59 -4.50 -9.69
CA LEU A 145 25.12 -3.15 -9.83
C LEU A 145 24.26 -2.41 -10.83
N ALA A 146 23.34 -1.61 -10.31
CA ALA A 146 22.48 -0.77 -11.14
C ALA A 146 22.87 0.67 -10.86
N GLY A 147 21.94 1.50 -10.38
CA GLY A 147 22.28 2.87 -10.02
C GLY A 147 21.25 3.92 -10.37
N PHE A 148 20.54 3.72 -11.48
CA PHE A 148 19.46 4.62 -11.82
C PHE A 148 18.52 4.80 -10.64
N GLY A 149 18.16 6.04 -10.34
CA GLY A 149 17.17 6.29 -9.31
C GLY A 149 17.76 6.30 -7.91
N ALA A 150 19.02 5.90 -7.80
CA ALA A 150 19.56 5.68 -6.49
C ALA A 150 20.26 6.90 -5.89
N GLN A 151 20.59 7.89 -6.73
CA GLN A 151 21.37 9.07 -6.30
C GLN A 151 20.65 9.92 -5.26
N HIS A 152 21.43 10.60 -4.43
CA HIS A 152 20.86 11.59 -3.53
C HIS A 152 21.94 12.49 -3.04
N ARG A 153 21.56 13.67 -2.55
CA ARG A 153 22.51 14.73 -2.17
C ARG A 153 23.82 14.26 -1.49
N LYS A 154 23.67 13.55 -0.38
CA LYS A 154 24.79 13.26 0.52
C LYS A 154 25.39 11.86 0.38
N MET A 155 25.03 11.14 -0.68
CA MET A 155 25.43 9.73 -0.85
C MET A 155 26.94 9.49 -0.65
N GLY A 156 27.27 8.48 0.16
CA GLY A 156 28.67 8.14 0.39
C GLY A 156 29.53 9.12 1.17
N LYS A 157 28.99 10.28 1.56
CA LYS A 157 29.77 11.26 2.32
C LYS A 157 30.11 10.74 3.72
N SER A 158 29.08 10.31 4.43
CA SER A 158 29.20 9.75 5.76
C SER A 158 30.22 8.59 5.84
N LEU A 159 30.04 7.56 5.01
CA LEU A 159 30.96 6.41 4.99
C LEU A 159 32.37 6.85 4.56
N TYR A 160 32.45 7.89 3.72
CA TYR A 160 33.75 8.38 3.28
C TYR A 160 34.52 8.95 4.47
N LEU A 161 33.80 9.48 5.46
CA LEU A 161 34.46 10.19 6.52
C LEU A 161 34.81 9.22 7.62
N ARG A 162 34.17 8.06 7.58
CA ARG A 162 34.16 7.18 8.75
C ARG A 162 34.73 5.79 8.47
N ASN A 163 35.03 5.49 7.21
CA ASN A 163 35.66 4.24 6.85
C ASN A 163 36.86 4.42 5.93
N GLU A 164 38.05 4.19 6.48
CA GLU A 164 39.31 4.36 5.75
C GLU A 164 39.40 3.52 4.47
N VAL A 165 38.91 2.28 4.55
CA VAL A 165 38.97 1.40 3.37
C VAL A 165 38.09 2.03 2.29
N PHE A 166 36.83 2.36 2.67
CA PHE A 166 35.89 3.01 1.77
C PHE A 166 36.49 4.26 1.17
N ALA A 167 37.03 5.10 2.06
CA ALA A 167 37.66 6.37 1.69
C ALA A 167 38.80 6.19 0.72
N ALA A 168 39.68 5.23 0.98
CA ALA A 168 40.82 5.03 0.10
C ALA A 168 40.36 4.67 -1.31
N TRP A 169 39.25 3.93 -1.41
CA TRP A 169 38.79 3.49 -2.74
C TRP A 169 38.14 4.60 -3.52
N ILE A 170 37.35 5.42 -2.81
CA ILE A 170 36.80 6.65 -3.36
C ILE A 170 37.91 7.52 -3.95
N GLU A 171 38.94 7.79 -3.15
CA GLU A 171 40.08 8.59 -3.62
C GLU A 171 40.77 7.97 -4.84
N LYS A 172 40.74 6.64 -4.95
CA LYS A 172 41.33 6.00 -6.15
C LYS A 172 40.48 6.23 -7.38
N VAL A 173 39.15 6.16 -7.26
CA VAL A 173 38.27 6.47 -8.38
C VAL A 173 38.27 7.97 -8.64
N ASP A 174 38.32 8.75 -7.56
CA ASP A 174 38.44 10.19 -7.67
C ASP A 174 39.62 10.57 -8.55
N ALA A 175 40.78 9.99 -8.27
CA ALA A 175 41.99 10.27 -9.03
C ALA A 175 41.84 9.88 -10.49
N LEU A 176 41.30 8.70 -10.75
CA LEU A 176 41.12 8.24 -12.14
C LEU A 176 40.16 9.12 -12.95
N VAL A 177 39.04 9.52 -12.34
CA VAL A 177 38.07 10.39 -13.00
C VAL A 177 38.69 11.77 -13.28
N GLN A 178 39.34 12.35 -12.27
CA GLN A 178 40.13 13.59 -12.48
C GLN A 178 40.97 13.49 -13.75
N ASP A 179 41.59 12.33 -13.95
CA ASP A 179 42.45 12.12 -15.10
C ASP A 179 41.66 12.07 -16.41
N GLU A 180 40.56 11.32 -16.42
CA GLU A 180 39.76 11.20 -17.63
C GLU A 180 38.89 12.42 -17.93
N LEU A 181 38.49 13.16 -16.90
CA LEU A 181 37.46 14.18 -17.12
C LEU A 181 37.83 15.58 -16.68
N GLY A 182 38.74 15.68 -15.70
CA GLY A 182 39.24 16.99 -15.30
C GLY A 182 38.58 17.54 -14.04
N TYR A 183 37.82 16.69 -13.35
CA TYR A 183 37.16 17.12 -12.13
C TYR A 183 37.09 16.04 -11.08
N SER A 184 36.79 16.50 -9.85
CA SER A 184 36.85 15.69 -8.66
C SER A 184 35.48 15.29 -8.15
N VAL A 185 35.25 13.98 -8.17
CA VAL A 185 34.03 13.38 -7.68
C VAL A 185 33.92 13.52 -6.16
N LEU A 186 35.06 13.44 -5.48
CA LEU A 186 35.08 13.60 -4.01
C LEU A 186 34.49 14.95 -3.56
N GLU A 187 34.83 16.00 -4.30
CA GLU A 187 34.31 17.35 -4.07
C GLU A 187 32.80 17.34 -4.10
N LEU A 188 32.24 16.65 -5.09
CA LEU A 188 30.80 16.49 -5.20
C LEU A 188 30.20 15.79 -3.99
N ILE A 189 30.88 14.74 -3.51
CA ILE A 189 30.38 13.98 -2.37
C ILE A 189 30.42 14.82 -1.10
N LEU A 190 31.51 15.54 -0.92
CA LEU A 190 31.75 16.28 0.33
C LEU A 190 30.99 17.62 0.43
N ASP A 191 30.50 18.13 -0.70
CA ASP A 191 29.91 19.46 -0.77
C ASP A 191 28.38 19.37 -0.75
N ASP A 192 27.80 19.68 0.40
CA ASP A 192 26.36 19.52 0.59
C ASP A 192 25.51 20.32 -0.36
N ALA A 193 26.06 21.43 -0.87
CA ALA A 193 25.37 22.33 -1.80
C ALA A 193 25.43 21.87 -3.27
N GLN A 194 26.14 20.78 -3.52
CA GLN A 194 26.34 20.32 -4.87
C GLN A 194 25.39 19.16 -5.11
N ASP A 195 24.61 19.23 -6.19
CA ASP A 195 23.70 18.15 -6.53
C ASP A 195 24.16 17.51 -7.81
N TYR A 196 23.52 16.40 -8.17
CA TYR A 196 23.99 15.56 -9.25
C TYR A 196 23.17 15.71 -10.52
N GLY A 197 23.87 15.70 -11.65
CA GLY A 197 23.26 15.73 -12.96
C GLY A 197 23.43 14.38 -13.61
N ILE A 198 23.02 14.28 -14.88
CA ILE A 198 23.10 13.04 -15.64
C ILE A 198 24.53 12.51 -15.64
N GLU A 199 25.49 13.33 -16.02
CA GLU A 199 26.87 12.88 -16.06
C GLU A 199 27.44 12.57 -14.67
N THR A 200 27.32 13.49 -13.72
CA THR A 200 27.97 13.32 -12.41
C THR A 200 27.36 12.20 -11.56
N THR A 201 26.06 11.92 -11.75
CA THR A 201 25.42 10.76 -11.12
C THR A 201 26.21 9.49 -11.47
N GLN A 202 26.43 9.27 -12.75
CA GLN A 202 27.00 8.05 -13.24
C GLN A 202 28.38 7.82 -12.66
N VAL A 203 29.26 8.77 -12.86
CA VAL A 203 30.63 8.64 -12.37
C VAL A 203 30.70 8.57 -10.84
N THR A 204 29.79 9.23 -10.14
CA THR A 204 29.82 9.21 -8.68
C THR A 204 29.21 7.91 -8.16
N ILE A 205 28.10 7.46 -8.72
CA ILE A 205 27.53 6.20 -8.29
C ILE A 205 28.50 5.04 -8.58
N PHE A 206 29.26 5.17 -9.67
CA PHE A 206 30.30 4.21 -9.99
C PHE A 206 31.37 4.24 -8.91
N ALA A 207 31.81 5.45 -8.54
CA ALA A 207 32.80 5.60 -7.47
C ALA A 207 32.37 4.89 -6.21
N ILE A 208 31.09 5.02 -5.84
CA ILE A 208 30.57 4.48 -4.61
C ILE A 208 30.49 2.96 -4.72
N GLN A 209 30.13 2.50 -5.92
CA GLN A 209 29.97 1.09 -6.20
C GLN A 209 31.30 0.35 -6.10
N ILE A 210 32.31 0.87 -6.80
CA ILE A 210 33.67 0.34 -6.71
C ILE A 210 34.07 0.27 -5.24
N ALA A 211 33.78 1.32 -4.49
CA ALA A 211 34.29 1.43 -3.14
C ALA A 211 33.57 0.48 -2.19
N LEU A 212 32.27 0.31 -2.37
CA LEU A 212 31.50 -0.58 -1.51
C LEU A 212 31.94 -2.03 -1.73
N GLY A 213 32.23 -2.37 -2.99
CA GLY A 213 32.63 -3.72 -3.36
C GLY A 213 34.01 -4.08 -2.90
N GLU A 214 34.91 -3.10 -2.85
CA GLU A 214 36.24 -3.35 -2.30
C GLU A 214 36.27 -3.39 -0.76
N LEU A 215 35.40 -2.59 -0.14
CA LEU A 215 35.15 -2.68 1.29
C LEU A 215 34.69 -4.11 1.60
N LEU A 216 33.65 -4.56 0.90
CA LEU A 216 33.11 -5.91 1.04
C LEU A 216 34.18 -6.98 0.83
N ARG A 217 35.03 -6.80 -0.18
CA ARG A 217 36.14 -7.72 -0.41
C ARG A 217 37.13 -7.71 0.74
N HIS A 218 37.39 -6.52 1.27
CA HIS A 218 38.27 -6.33 2.43
C HIS A 218 37.87 -7.20 3.59
N HIS A 219 36.57 -7.36 3.81
CA HIS A 219 36.08 -8.18 4.91
C HIS A 219 35.90 -9.63 4.51
N GLY A 220 36.45 -10.00 3.36
CA GLY A 220 36.54 -11.38 2.94
C GLY A 220 35.44 -11.88 2.03
N ALA A 221 34.42 -11.03 1.82
CA ALA A 221 33.31 -11.34 0.93
C ALA A 221 33.72 -11.26 -0.53
N LYS A 222 33.01 -11.96 -1.40
CA LYS A 222 33.27 -11.94 -2.84
C LYS A 222 32.00 -12.39 -3.60
N PRO A 223 31.84 -11.91 -4.85
CA PRO A 223 30.64 -12.26 -5.65
C PRO A 223 30.78 -13.60 -6.36
N ALA A 224 29.73 -14.42 -6.33
CA ALA A 224 29.69 -15.63 -7.17
C ALA A 224 29.46 -15.21 -8.64
N ALA A 225 28.50 -14.32 -8.81
CA ALA A 225 28.23 -13.70 -10.10
C ALA A 225 27.84 -12.23 -9.92
N VAL A 226 28.03 -11.47 -11.00
CA VAL A 226 27.60 -10.08 -11.08
C VAL A 226 26.51 -9.93 -12.14
N ILE A 227 25.61 -8.98 -11.92
CA ILE A 227 24.67 -8.55 -12.95
C ILE A 227 24.65 -7.01 -12.99
N GLY A 228 24.70 -6.46 -14.19
CA GLY A 228 24.65 -5.00 -14.34
C GLY A 228 23.29 -4.46 -14.76
N GLN A 229 22.95 -3.28 -14.29
CA GLN A 229 21.81 -2.57 -14.87
C GLN A 229 22.27 -1.21 -15.35
N SER A 230 22.30 -1.06 -16.67
CA SER A 230 22.45 0.23 -17.33
C SER A 230 23.75 0.91 -16.90
N LEU A 231 23.60 1.99 -16.15
CA LEU A 231 24.69 2.71 -15.52
C LEU A 231 25.72 1.76 -14.89
N GLY A 232 25.22 0.83 -14.07
CA GLY A 232 26.07 -0.08 -13.30
C GLY A 232 26.95 -1.06 -14.05
N GLU A 233 26.80 -1.16 -15.37
CA GLU A 233 27.56 -2.14 -16.16
C GLU A 233 29.08 -2.00 -16.02
N ALA A 234 29.57 -0.76 -15.89
CA ALA A 234 31.00 -0.52 -15.74
C ALA A 234 31.53 -1.15 -14.45
N ALA A 235 30.84 -0.93 -13.33
CA ALA A 235 31.31 -1.48 -12.06
C ALA A 235 31.23 -2.99 -12.10
N SER A 236 30.12 -3.51 -12.64
CA SER A 236 29.97 -4.95 -12.82
C SER A 236 31.16 -5.53 -13.60
N ALA A 237 31.58 -4.84 -14.65
CA ALA A 237 32.72 -5.32 -15.44
C ALA A 237 33.97 -5.47 -14.57
N TYR A 238 34.25 -4.45 -13.76
CA TYR A 238 35.41 -4.46 -12.86
C TYR A 238 35.36 -5.59 -11.85
N PHE A 239 34.22 -5.75 -11.19
CA PHE A 239 34.07 -6.73 -10.14
C PHE A 239 34.01 -8.15 -10.63
N ALA A 240 33.61 -8.33 -11.90
CA ALA A 240 33.68 -9.59 -12.57
C ALA A 240 35.06 -9.81 -13.18
N GLY A 241 35.97 -8.87 -12.97
CA GLY A 241 37.35 -9.03 -13.43
C GLY A 241 37.47 -8.98 -14.94
N GLY A 242 36.44 -8.47 -15.60
CA GLY A 242 36.44 -8.32 -17.06
C GLY A 242 37.16 -7.09 -17.57
N LEU A 243 37.47 -6.16 -16.66
CA LEU A 243 38.25 -4.96 -16.99
C LEU A 243 38.90 -4.44 -15.74
N SER A 244 40.11 -3.89 -15.89
CA SER A 244 40.76 -3.18 -14.78
C SER A 244 39.95 -1.97 -14.39
N LEU A 245 40.17 -1.51 -13.16
CA LEU A 245 39.57 -0.29 -12.65
C LEU A 245 39.72 0.87 -13.62
N ARG A 246 40.94 1.08 -14.14
CA ARG A 246 41.20 2.15 -15.09
C ARG A 246 40.27 2.12 -16.28
N ASP A 247 40.17 0.96 -16.91
CA ASP A 247 39.37 0.83 -18.12
C ASP A 247 37.88 0.89 -17.83
N ALA A 248 37.48 0.38 -16.66
CA ALA A 248 36.09 0.43 -16.29
C ALA A 248 35.76 1.89 -16.08
N THR A 249 36.66 2.63 -15.42
CA THR A 249 36.51 4.05 -15.27
C THR A 249 36.40 4.72 -16.64
N ARG A 250 37.28 4.36 -17.56
CA ARG A 250 37.16 4.85 -18.94
C ARG A 250 35.76 4.61 -19.51
N ALA A 251 35.14 3.49 -19.14
CA ALA A 251 33.88 3.09 -19.75
C ALA A 251 32.72 3.94 -19.26
N ILE A 252 32.69 4.21 -17.96
CA ILE A 252 31.67 5.03 -17.37
C ILE A 252 31.90 6.51 -17.73
N CYS A 253 33.16 6.95 -17.77
CA CYS A 253 33.45 8.35 -18.07
C CYS A 253 32.98 8.71 -19.47
N SER A 254 33.48 7.98 -20.46
CA SER A 254 33.05 8.14 -21.84
C SER A 254 31.54 8.24 -22.00
N ARG A 255 30.80 7.22 -21.58
CA ARG A 255 29.37 7.23 -21.77
C ARG A 255 28.67 8.39 -21.06
N SER A 256 29.11 8.69 -19.84
CA SER A 256 28.52 9.71 -18.98
C SER A 256 28.50 11.09 -19.58
N HIS A 257 29.67 11.52 -20.05
CA HIS A 257 29.83 12.89 -20.50
C HIS A 257 29.17 13.03 -21.83
N LEU A 258 29.29 12.02 -22.68
CA LEU A 258 28.64 12.05 -23.99
C LEU A 258 27.14 12.10 -23.83
N MET A 259 26.61 11.33 -22.89
CA MET A 259 25.19 11.33 -22.60
C MET A 259 24.74 12.66 -21.99
N GLY A 260 25.50 13.14 -20.98
CA GLY A 260 25.17 14.36 -20.26
C GLY A 260 25.27 15.62 -21.09
N GLU A 261 26.29 15.68 -21.94
CA GLU A 261 26.50 16.80 -22.87
C GLU A 261 25.53 16.74 -24.04
N GLY A 262 25.14 15.52 -24.41
CA GLY A 262 24.21 15.32 -25.53
C GLY A 262 22.80 15.71 -25.15
N GLU A 263 22.36 15.34 -23.95
CA GLU A 263 20.99 15.62 -23.57
C GLU A 263 20.75 17.09 -23.23
N ALA A 264 21.79 17.79 -22.79
CA ALA A 264 21.67 19.23 -22.51
C ALA A 264 21.33 20.01 -23.78
N MET A 265 21.85 19.54 -24.91
CA MET A 265 21.65 20.14 -26.23
C MET A 265 20.32 19.82 -26.89
N LEU A 266 19.46 19.06 -26.20
CA LEU A 266 18.23 18.55 -26.81
C LEU A 266 17.01 19.43 -26.60
N PHE A 267 16.41 19.91 -27.68
CA PHE A 267 15.24 20.81 -27.61
C PHE A 267 14.19 20.48 -28.65
N GLY A 268 12.95 20.89 -28.38
CA GLY A 268 11.83 20.70 -29.30
C GLY A 268 11.69 19.28 -29.82
N GLU A 269 11.73 19.16 -31.15
CA GLU A 269 11.51 17.92 -31.89
C GLU A 269 12.62 16.88 -31.69
N TYR A 270 13.71 17.28 -31.04
CA TYR A 270 14.82 16.36 -30.76
C TYR A 270 14.69 15.64 -29.42
N ILE A 271 13.80 16.14 -28.57
CA ILE A 271 13.58 15.60 -27.22
C ILE A 271 12.96 14.20 -27.29
N ARG A 272 13.37 13.34 -26.35
CA ARG A 272 12.89 11.94 -26.23
C ARG A 272 12.87 11.62 -24.76
N LEU A 273 11.70 11.26 -24.25
CA LEU A 273 11.56 10.98 -22.83
C LEU A 273 11.72 9.49 -22.53
N MET A 274 11.92 9.18 -21.24
CA MET A 274 11.95 7.79 -20.73
C MET A 274 10.89 7.64 -19.65
N ALA A 275 10.22 6.50 -19.60
CA ALA A 275 9.16 6.31 -18.62
C ALA A 275 8.91 4.84 -18.25
N LEU A 276 8.89 4.58 -16.94
CA LEU A 276 8.52 3.27 -16.43
C LEU A 276 7.01 3.11 -16.53
N VAL A 277 6.58 2.06 -17.22
CA VAL A 277 5.19 1.64 -17.20
C VAL A 277 5.07 0.18 -16.76
N GLU A 278 4.01 -0.10 -16.01
CA GLU A 278 3.72 -1.43 -15.53
C GLU A 278 3.05 -2.25 -16.64
N TYR A 279 3.83 -2.58 -17.66
CA TYR A 279 3.41 -3.52 -18.69
C TYR A 279 4.52 -4.52 -18.84
N SER A 280 4.16 -5.78 -19.09
CA SER A 280 5.16 -6.82 -19.36
C SER A 280 5.70 -6.66 -20.77
N ALA A 281 6.73 -7.42 -21.10
CA ALA A 281 7.26 -7.50 -22.47
C ALA A 281 6.19 -7.89 -23.51
N ASP A 282 5.25 -8.74 -23.14
CA ASP A 282 4.24 -9.21 -24.10
C ASP A 282 3.14 -8.19 -24.22
N GLU A 283 2.88 -7.50 -23.11
CA GLU A 283 1.91 -6.43 -23.13
C GLU A 283 2.42 -5.30 -24.07
N ILE A 284 3.73 -5.07 -24.05
CA ILE A 284 4.39 -4.04 -24.87
C ILE A 284 4.27 -4.31 -26.38
N ARG A 285 4.60 -5.51 -26.82
CA ARG A 285 4.43 -5.88 -28.23
C ARG A 285 3.08 -5.39 -28.72
N GLU A 286 2.02 -5.71 -27.95
CA GLU A 286 0.65 -5.24 -28.18
C GLU A 286 0.49 -3.71 -28.13
N VAL A 287 0.63 -3.13 -26.94
CA VAL A 287 0.48 -1.70 -26.71
C VAL A 287 1.18 -0.85 -27.77
N PHE A 288 2.40 -1.23 -28.15
CA PHE A 288 3.25 -0.45 -29.05
C PHE A 288 2.72 -0.28 -30.47
N SER A 289 1.76 -1.11 -30.88
CA SER A 289 1.19 -0.96 -32.22
C SER A 289 0.41 0.35 -32.31
N ASP A 290 0.12 0.97 -31.16
CA ASP A 290 -0.52 2.28 -31.18
C ASP A 290 0.48 3.43 -31.19
N PHE A 291 1.74 3.14 -30.90
CA PHE A 291 2.78 4.14 -30.83
C PHE A 291 4.02 3.71 -31.62
N PRO A 292 4.13 4.14 -32.88
CA PRO A 292 5.12 3.54 -33.75
C PRO A 292 6.56 3.98 -33.45
N ASP A 293 6.74 4.95 -32.57
CA ASP A 293 8.09 5.45 -32.36
C ASP A 293 8.69 5.11 -31.01
N LEU A 294 7.95 4.36 -30.21
CA LEU A 294 8.41 3.95 -28.89
C LEU A 294 9.36 2.76 -28.95
N GLU A 295 10.36 2.80 -28.07
CA GLU A 295 11.31 1.69 -27.95
C GLU A 295 11.39 1.26 -26.50
N VAL A 296 11.93 0.06 -26.27
CA VAL A 296 12.14 -0.44 -24.93
C VAL A 296 13.55 -0.09 -24.43
N CYS A 297 13.64 0.63 -23.31
CA CYS A 297 14.93 0.89 -22.68
C CYS A 297 15.35 -0.24 -21.75
N VAL A 298 14.46 -0.63 -20.85
CA VAL A 298 14.79 -1.57 -19.79
C VAL A 298 13.65 -2.51 -19.54
N TYR A 299 13.95 -3.81 -19.56
CA TYR A 299 13.00 -4.80 -19.03
C TYR A 299 13.39 -4.94 -17.59
N ALA A 300 12.70 -4.18 -16.75
CA ALA A 300 13.10 -3.99 -15.36
C ALA A 300 12.61 -5.13 -14.45
N ALA A 301 11.31 -5.40 -14.51
CA ALA A 301 10.67 -6.46 -13.78
C ALA A 301 9.76 -7.21 -14.77
N PRO A 302 9.16 -8.34 -14.37
CA PRO A 302 8.33 -9.07 -15.33
C PRO A 302 7.07 -8.32 -15.82
N THR A 303 6.60 -7.31 -15.08
CA THR A 303 5.54 -6.43 -15.59
C THR A 303 5.90 -4.97 -15.36
N GLN A 304 7.18 -4.66 -15.45
CA GLN A 304 7.67 -3.28 -15.42
C GLN A 304 8.71 -3.10 -16.50
N THR A 305 8.41 -2.17 -17.41
CA THR A 305 9.20 -1.93 -18.57
C THR A 305 9.43 -0.43 -18.68
N VAL A 306 10.67 -0.05 -18.96
CA VAL A 306 10.99 1.34 -19.20
C VAL A 306 11.05 1.53 -20.70
N ILE A 307 10.29 2.52 -21.17
CA ILE A 307 10.18 2.77 -22.58
C ILE A 307 10.75 4.14 -22.92
N GLY A 308 10.83 4.44 -24.22
CA GLY A 308 11.31 5.73 -24.69
C GLY A 308 10.85 6.07 -26.09
N GLY A 309 10.78 7.38 -26.37
CA GLY A 309 10.41 7.87 -27.68
C GLY A 309 9.99 9.33 -27.68
N PRO A 310 9.31 9.75 -28.76
CA PRO A 310 8.81 11.12 -28.88
C PRO A 310 7.81 11.42 -27.74
N PRO A 311 7.96 12.57 -27.10
CA PRO A 311 7.25 12.91 -25.86
C PRO A 311 5.72 12.84 -25.95
N GLU A 312 5.14 13.11 -27.12
CA GLU A 312 3.68 12.94 -27.25
C GLU A 312 3.25 11.47 -27.07
N GLN A 313 4.05 10.55 -27.63
CA GLN A 313 3.76 9.12 -27.55
C GLN A 313 4.02 8.60 -26.14
N VAL A 314 5.16 9.01 -25.57
CA VAL A 314 5.47 8.73 -24.17
C VAL A 314 4.34 9.19 -23.25
N ASP A 315 3.85 10.40 -23.46
CA ASP A 315 2.69 10.90 -22.68
C ASP A 315 1.43 10.07 -22.88
N ALA A 316 1.26 9.50 -24.07
CA ALA A 316 0.03 8.78 -24.37
C ALA A 316 0.03 7.36 -23.81
N ILE A 317 1.19 6.71 -23.80
CA ILE A 317 1.32 5.40 -23.18
C ILE A 317 1.15 5.50 -21.66
N LEU A 318 1.62 6.60 -21.07
CA LEU A 318 1.35 6.91 -19.67
C LEU A 318 -0.14 7.12 -19.44
N ALA A 319 -0.76 7.97 -20.25
CA ALA A 319 -2.18 8.23 -20.09
C ALA A 319 -2.97 6.94 -20.13
N ARG A 320 -2.56 6.00 -21.00
CA ARG A 320 -3.29 4.75 -21.17
C ARG A 320 -2.95 3.74 -20.07
N ALA A 321 -1.79 3.92 -19.46
CA ALA A 321 -1.45 3.15 -18.26
C ALA A 321 -2.34 3.56 -17.10
N GLU A 322 -2.47 4.87 -16.85
CA GLU A 322 -3.33 5.37 -15.78
C GLU A 322 -4.81 5.03 -16.04
N ALA A 323 -5.19 4.91 -17.30
CA ALA A 323 -6.56 4.59 -17.68
C ALA A 323 -6.85 3.11 -17.47
N GLU A 324 -5.87 2.40 -16.91
CA GLU A 324 -5.99 0.97 -16.70
C GLU A 324 -5.54 0.65 -15.29
N GLY A 325 -5.32 1.70 -14.50
CA GLY A 325 -4.87 1.56 -13.11
C GLY A 325 -3.50 0.91 -13.00
N LYS A 326 -2.61 1.22 -13.94
CA LYS A 326 -1.25 0.69 -13.92
C LYS A 326 -0.27 1.77 -13.54
N PHE A 327 0.82 1.36 -12.90
CA PHE A 327 1.84 2.30 -12.49
C PHE A 327 2.56 2.87 -13.72
N ALA A 328 2.90 4.15 -13.64
CA ALA A 328 3.59 4.84 -14.72
C ALA A 328 4.32 6.07 -14.20
N ARG A 329 5.60 6.19 -14.54
CA ARG A 329 6.43 7.26 -14.02
C ARG A 329 7.37 7.80 -15.08
N LYS A 330 7.23 9.08 -15.38
CA LYS A 330 8.08 9.76 -16.35
C LYS A 330 9.42 10.11 -15.71
N PHE A 331 10.54 9.81 -16.38
CA PHE A 331 11.86 10.15 -15.84
C PHE A 331 12.30 11.57 -16.19
N ALA A 332 13.14 12.14 -15.33
CA ALA A 332 13.65 13.47 -15.50
C ALA A 332 14.80 13.45 -16.49
N THR A 333 14.47 13.49 -17.78
CA THR A 333 15.48 13.53 -18.81
C THR A 333 14.88 13.94 -20.14
N LYS A 334 15.69 14.63 -20.96
CA LYS A 334 15.28 15.08 -22.30
C LYS A 334 15.73 14.12 -23.41
N GLY A 335 16.48 13.09 -23.03
CA GLY A 335 16.95 12.06 -23.96
C GLY A 335 16.75 10.63 -23.47
N ALA A 336 16.55 9.72 -24.42
CA ALA A 336 16.32 8.32 -24.12
C ALA A 336 17.54 7.47 -24.44
N SER A 337 18.26 7.05 -23.40
CA SER A 337 19.29 6.04 -23.56
C SER A 337 18.63 4.72 -23.93
N HIS A 338 19.41 3.77 -24.47
CA HIS A 338 18.92 2.45 -24.91
C HIS A 338 17.89 2.51 -26.00
N THR A 339 18.00 3.56 -26.85
CA THR A 339 17.17 3.75 -28.06
C THR A 339 17.99 4.26 -29.25
N SER A 340 17.35 4.30 -30.42
CA SER A 340 18.01 4.71 -31.65
C SER A 340 18.64 6.11 -31.55
N GLN A 341 18.04 6.98 -30.73
CA GLN A 341 18.58 8.33 -30.46
C GLN A 341 20.07 8.35 -30.20
N MET A 342 20.59 7.22 -29.71
CA MET A 342 21.93 7.13 -29.21
C MET A 342 22.98 7.00 -30.32
N ASP A 343 22.52 6.65 -31.52
CA ASP A 343 23.38 6.46 -32.70
C ASP A 343 24.50 7.50 -32.88
N PRO A 344 24.18 8.81 -32.82
CA PRO A 344 25.19 9.84 -33.03
C PRO A 344 26.35 9.83 -32.02
N LEU A 345 26.12 9.22 -30.86
CA LEU A 345 27.15 9.16 -29.84
C LEU A 345 28.15 8.04 -30.10
N LEU A 346 27.70 7.00 -30.81
CA LEU A 346 28.46 5.77 -30.97
C LEU A 346 29.87 5.92 -31.54
N GLY A 347 30.05 6.92 -32.41
CA GLY A 347 31.33 7.20 -33.06
C GLY A 347 32.34 7.71 -32.07
N GLU A 348 31.96 8.72 -31.29
CA GLU A 348 32.86 9.31 -30.30
C GLU A 348 33.16 8.32 -29.19
N LEU A 349 32.16 7.50 -28.84
CA LEU A 349 32.33 6.43 -27.86
C LEU A 349 33.39 5.44 -28.31
N THR A 350 33.30 5.00 -29.57
CA THR A 350 34.29 4.10 -30.13
C THR A 350 35.70 4.66 -29.91
N ALA A 351 35.92 5.87 -30.40
CA ALA A 351 37.21 6.54 -30.33
C ALA A 351 37.74 6.69 -28.89
N GLU A 352 36.89 7.14 -27.97
CA GLU A 352 37.33 7.42 -26.61
C GLU A 352 37.67 6.16 -25.83
N LEU A 353 37.20 5.01 -26.28
CA LEU A 353 37.48 3.76 -25.56
C LEU A 353 38.56 2.90 -26.22
N GLN A 354 39.10 3.36 -27.35
CA GLN A 354 40.20 2.67 -28.01
C GLN A 354 41.29 2.39 -27.03
N GLY A 355 41.76 1.15 -26.97
CA GLY A 355 42.84 0.79 -26.05
C GLY A 355 42.46 0.06 -24.77
N ILE A 356 41.17 0.02 -24.43
CA ILE A 356 40.75 -0.75 -23.26
C ILE A 356 41.06 -2.23 -23.48
N LYS A 357 41.37 -2.93 -22.40
CA LYS A 357 41.77 -4.33 -22.49
C LYS A 357 40.74 -5.22 -21.80
N PRO A 358 39.88 -5.86 -22.61
CA PRO A 358 38.89 -6.78 -22.07
C PRO A 358 39.62 -8.00 -21.56
N THR A 359 39.32 -8.40 -20.33
CA THR A 359 39.92 -9.59 -19.74
C THR A 359 38.88 -10.65 -19.48
N SER A 360 39.33 -11.81 -19.01
CA SER A 360 38.48 -12.98 -18.87
C SER A 360 37.89 -13.04 -17.47
N PRO A 361 36.55 -13.07 -17.36
CA PRO A 361 35.89 -12.94 -16.07
C PRO A 361 36.43 -13.91 -15.02
N THR A 362 36.59 -13.41 -13.81
CA THR A 362 37.05 -14.23 -12.70
C THR A 362 35.86 -14.59 -11.83
N CYS A 363 34.66 -14.25 -12.30
CA CYS A 363 33.41 -14.84 -11.77
C CYS A 363 32.32 -14.77 -12.83
N GLY A 364 31.15 -15.27 -12.47
CA GLY A 364 30.04 -15.33 -13.42
C GLY A 364 29.52 -13.94 -13.71
N ILE A 365 29.05 -13.75 -14.94
CA ILE A 365 28.39 -12.52 -15.34
C ILE A 365 27.07 -12.93 -15.97
N PHE A 366 25.96 -12.46 -15.40
CA PHE A 366 24.71 -12.42 -16.14
C PHE A 366 24.68 -11.11 -16.91
N SER A 367 24.99 -11.17 -18.20
CA SER A 367 25.06 -9.95 -19.01
C SER A 367 23.70 -9.43 -19.46
N THR A 368 23.23 -8.34 -18.86
CA THR A 368 21.95 -7.74 -19.28
C THR A 368 22.04 -7.04 -20.64
N VAL A 369 23.26 -6.89 -21.17
CA VAL A 369 23.45 -6.36 -22.52
C VAL A 369 23.22 -7.51 -23.50
N HIS A 370 23.94 -8.62 -23.27
CA HIS A 370 23.75 -9.84 -24.05
C HIS A 370 22.52 -10.63 -23.62
N GLU A 371 21.38 -9.96 -23.48
CA GLU A 371 20.08 -10.62 -23.32
C GLU A 371 19.85 -11.45 -22.02
N GLY A 372 20.61 -11.15 -20.96
CA GLY A 372 20.49 -11.87 -19.70
C GLY A 372 21.23 -13.22 -19.67
N ARG A 373 21.96 -13.52 -20.74
CA ARG A 373 22.66 -14.80 -20.84
C ARG A 373 23.82 -14.84 -19.85
N TYR A 374 24.20 -16.06 -19.44
CA TYR A 374 25.28 -16.27 -18.50
C TYR A 374 26.65 -16.40 -19.17
N ILE A 375 27.65 -15.78 -18.57
CA ILE A 375 29.03 -16.07 -18.95
C ILE A 375 29.76 -16.69 -17.75
N LYS A 376 30.54 -17.73 -18.04
CA LYS A 376 31.24 -18.55 -17.05
C LYS A 376 32.53 -17.88 -16.62
N PRO A 377 32.91 -18.04 -15.34
CA PRO A 377 34.25 -17.68 -14.92
C PRO A 377 35.28 -18.35 -15.83
N GLY A 378 36.29 -17.61 -16.23
CA GLY A 378 37.31 -18.15 -17.11
C GLY A 378 36.89 -18.14 -18.57
N GLY A 379 35.61 -17.80 -18.82
CA GLY A 379 35.09 -17.68 -20.19
C GLY A 379 35.77 -16.60 -21.03
N GLU A 380 35.34 -16.46 -22.28
CA GLU A 380 35.91 -15.44 -23.15
C GLU A 380 35.57 -14.01 -22.69
N PRO A 381 36.51 -13.06 -22.87
CA PRO A 381 36.24 -11.64 -22.61
C PRO A 381 34.97 -11.16 -23.31
N ILE A 382 34.14 -10.41 -22.58
CA ILE A 382 32.96 -9.76 -23.18
C ILE A 382 33.02 -8.23 -23.23
N HIS A 383 33.90 -7.62 -22.45
CA HIS A 383 33.84 -6.16 -22.23
C HIS A 383 34.57 -5.32 -23.23
N ASP A 384 34.41 -5.63 -24.52
CA ASP A 384 35.17 -4.91 -25.55
C ASP A 384 34.46 -3.63 -25.94
N VAL A 385 35.14 -2.81 -26.74
CA VAL A 385 34.57 -1.53 -27.17
C VAL A 385 33.14 -1.67 -27.68
N GLU A 386 32.91 -2.72 -28.48
CA GLU A 386 31.58 -3.00 -29.07
C GLU A 386 30.49 -3.26 -28.04
N TYR A 387 30.88 -3.90 -26.93
CA TYR A 387 30.00 -4.19 -25.80
C TYR A 387 29.40 -2.92 -25.22
N TRP A 388 30.24 -1.89 -25.10
CA TRP A 388 29.80 -0.61 -24.59
C TRP A 388 28.93 0.10 -25.57
N LYS A 389 29.27 -0.04 -26.85
CA LYS A 389 28.44 0.47 -27.94
C LYS A 389 27.08 -0.20 -27.90
N LYS A 390 27.07 -1.52 -27.78
CA LYS A 390 25.81 -2.25 -27.78
C LYS A 390 25.01 -1.98 -26.52
N GLY A 391 25.72 -1.76 -25.42
CA GLY A 391 25.09 -1.52 -24.12
C GLY A 391 24.26 -0.25 -24.17
N LEU A 392 24.90 0.83 -24.63
CA LEU A 392 24.25 2.13 -24.74
C LEU A 392 23.09 2.15 -25.73
N ARG A 393 23.32 1.64 -26.94
CA ARG A 393 22.28 1.55 -27.98
C ARG A 393 21.08 0.70 -27.56
N HIS A 394 21.31 -0.50 -27.03
CA HIS A 394 20.25 -1.50 -26.93
C HIS A 394 19.60 -1.73 -25.60
N SER A 395 18.48 -2.43 -25.63
CA SER A 395 17.68 -2.70 -24.45
C SER A 395 18.46 -3.36 -23.32
N VAL A 396 18.06 -3.06 -22.08
CA VAL A 396 18.69 -3.67 -20.91
C VAL A 396 17.78 -4.78 -20.41
N TYR A 397 18.29 -6.00 -20.49
CA TYR A 397 17.52 -7.19 -20.15
C TYR A 397 17.72 -7.54 -18.69
N PHE A 398 17.18 -6.71 -17.79
CA PHE A 398 17.45 -6.90 -16.39
C PHE A 398 16.63 -8.01 -15.76
N THR A 399 15.33 -8.05 -16.03
CA THR A 399 14.51 -9.11 -15.49
C THR A 399 14.89 -10.50 -16.02
N HIS A 400 15.48 -10.55 -17.21
CA HIS A 400 15.87 -11.84 -17.77
C HIS A 400 17.13 -12.32 -17.13
N GLY A 401 18.09 -11.42 -16.90
CA GLY A 401 19.27 -11.73 -16.13
C GLY A 401 18.92 -12.37 -14.79
N ILE A 402 18.09 -11.67 -14.01
CA ILE A 402 17.74 -12.13 -12.68
C ILE A 402 17.07 -13.50 -12.75
N ARG A 403 16.09 -13.61 -13.64
CA ARG A 403 15.43 -14.88 -13.92
C ARG A 403 16.45 -15.99 -14.26
N ASN A 404 17.34 -15.74 -15.22
CA ASN A 404 18.44 -16.67 -15.49
C ASN A 404 19.14 -17.09 -14.17
N ALA A 405 19.58 -16.11 -13.37
CA ALA A 405 20.20 -16.38 -12.05
C ALA A 405 19.42 -17.31 -11.11
N VAL A 406 18.13 -17.01 -10.89
CA VAL A 406 17.23 -17.82 -10.08
C VAL A 406 17.21 -19.26 -10.60
N ASP A 407 16.91 -19.42 -11.89
CA ASP A 407 16.76 -20.73 -12.52
C ASP A 407 17.94 -21.64 -12.33
N SER A 408 19.13 -21.05 -12.30
CA SER A 408 20.38 -21.79 -12.14
C SER A 408 20.86 -21.83 -10.68
N GLY A 409 20.00 -21.41 -9.74
CA GLY A 409 20.17 -21.72 -8.33
C GLY A 409 20.39 -20.60 -7.33
N HIS A 410 20.60 -19.37 -7.83
CA HIS A 410 20.97 -18.24 -6.96
C HIS A 410 19.82 -17.74 -6.17
N THR A 411 20.01 -17.45 -4.89
CA THR A 411 18.88 -16.90 -4.12
C THR A 411 19.30 -15.65 -3.35
N THR A 412 20.61 -15.40 -3.28
CA THR A 412 21.14 -14.23 -2.59
C THR A 412 21.56 -13.17 -3.59
N PHE A 413 20.82 -12.08 -3.59
CA PHE A 413 21.15 -10.92 -4.42
C PHE A 413 21.50 -9.72 -3.54
N LEU A 414 22.73 -9.24 -3.69
CA LEU A 414 23.26 -8.13 -2.91
C LEU A 414 23.46 -6.90 -3.81
N GLU A 415 22.89 -5.78 -3.42
CA GLU A 415 23.00 -4.59 -4.26
C GLU A 415 23.98 -3.56 -3.72
N LEU A 416 24.90 -3.15 -4.57
CA LEU A 416 25.85 -2.14 -4.23
C LEU A 416 25.32 -0.85 -4.81
N ALA A 417 24.70 -0.04 -3.95
CA ALA A 417 24.12 1.23 -4.36
C ALA A 417 24.04 2.19 -3.18
N PRO A 418 23.86 3.49 -3.45
CA PRO A 418 23.54 4.44 -2.39
C PRO A 418 22.08 4.33 -1.93
N ASN A 419 21.25 3.60 -2.68
CA ASN A 419 19.86 3.32 -2.32
C ASN A 419 19.43 2.03 -3.01
N PRO A 420 18.74 1.14 -2.29
CA PRO A 420 18.50 -0.18 -2.85
C PRO A 420 17.31 -0.26 -3.83
N VAL A 421 17.34 0.57 -4.87
CA VAL A 421 16.23 0.68 -5.79
C VAL A 421 16.07 -0.56 -6.68
N ALA A 422 17.18 -1.15 -7.13
CA ALA A 422 17.14 -2.32 -8.01
C ALA A 422 16.59 -3.57 -7.30
N LEU A 423 16.81 -3.67 -5.98
CA LEU A 423 16.29 -4.80 -5.20
C LEU A 423 14.78 -4.87 -5.26
N MET A 424 14.16 -3.71 -5.46
CA MET A 424 12.71 -3.65 -5.67
C MET A 424 12.33 -4.39 -6.95
N GLN A 425 13.18 -4.36 -7.97
CA GLN A 425 12.95 -5.12 -9.23
C GLN A 425 13.29 -6.57 -9.08
N VAL A 426 14.41 -6.84 -8.42
CA VAL A 426 14.85 -8.20 -8.17
C VAL A 426 13.74 -8.97 -7.44
N ALA A 427 13.17 -8.34 -6.41
CA ALA A 427 12.01 -8.92 -5.68
C ALA A 427 10.87 -9.40 -6.59
N LEU A 428 10.50 -8.60 -7.59
CA LEU A 428 9.36 -8.96 -8.41
C LEU A 428 9.70 -10.12 -9.32
N THR A 429 10.92 -10.13 -9.83
CA THR A 429 11.37 -11.20 -10.71
C THR A 429 11.48 -12.51 -9.94
N THR A 430 12.13 -12.46 -8.77
CA THR A 430 12.26 -13.66 -7.92
C THR A 430 10.90 -14.26 -7.58
N ALA A 431 10.00 -13.44 -7.04
CA ALA A 431 8.65 -13.90 -6.69
C ALA A 431 7.99 -14.54 -7.89
N ASP A 432 8.12 -13.88 -9.04
CA ASP A 432 7.46 -14.35 -10.25
C ASP A 432 8.00 -15.71 -10.63
N ALA A 433 9.27 -15.95 -10.32
CA ALA A 433 9.93 -17.19 -10.67
C ALA A 433 9.75 -18.31 -9.63
N GLY A 434 8.80 -18.14 -8.71
CA GLY A 434 8.52 -19.15 -7.67
C GLY A 434 9.52 -19.24 -6.50
N LEU A 435 10.41 -18.26 -6.41
CA LEU A 435 11.39 -18.19 -5.35
C LEU A 435 10.90 -17.17 -4.35
N HIS A 436 10.16 -17.65 -3.37
CA HIS A 436 9.34 -16.75 -2.55
C HIS A 436 10.08 -16.21 -1.37
N ASP A 437 11.25 -16.78 -1.09
CA ASP A 437 12.16 -16.17 -0.12
C ASP A 437 13.59 -16.13 -0.67
N ALA A 438 13.98 -14.95 -1.12
CA ALA A 438 15.32 -14.73 -1.60
C ALA A 438 16.08 -13.99 -0.51
N GLN A 439 17.40 -14.01 -0.58
CA GLN A 439 18.22 -13.17 0.30
C GLN A 439 18.54 -11.89 -0.45
N LEU A 440 17.66 -10.92 -0.29
CA LEU A 440 17.82 -9.60 -0.89
C LEU A 440 18.54 -8.66 0.09
N ILE A 441 19.82 -8.41 -0.20
CA ILE A 441 20.69 -7.68 0.71
C ILE A 441 21.11 -6.29 0.19
N PRO A 442 20.62 -5.22 0.85
CA PRO A 442 20.95 -3.85 0.48
C PRO A 442 22.37 -3.48 0.92
N THR A 443 22.86 -2.33 0.48
CA THR A 443 24.03 -1.76 1.07
C THR A 443 23.62 -0.44 1.70
N LEU A 444 24.08 0.65 1.11
CA LEU A 444 23.78 1.98 1.62
C LEU A 444 22.34 2.35 1.32
N ALA A 445 21.79 3.25 2.13
CA ALA A 445 20.42 3.76 1.97
C ALA A 445 20.30 5.19 2.51
N ARG A 446 19.69 6.07 1.72
CA ARG A 446 19.41 7.46 2.10
C ARG A 446 18.71 7.47 3.44
N LYS A 447 19.16 8.36 4.33
CA LYS A 447 18.54 8.48 5.64
C LYS A 447 18.70 7.22 6.55
N GLN A 448 19.59 6.31 6.19
CA GLN A 448 20.05 5.26 7.10
C GLN A 448 21.52 5.51 7.42
N ASP A 449 21.94 5.25 8.66
CA ASP A 449 23.36 5.40 9.02
C ASP A 449 24.20 4.51 8.11
N GLU A 450 25.23 5.08 7.51
CA GLU A 450 25.94 4.33 6.49
C GLU A 450 26.90 3.25 7.03
N VAL A 451 27.43 3.47 8.23
CA VAL A 451 28.27 2.50 8.90
C VAL A 451 27.39 1.34 9.40
N SER A 452 26.28 1.66 10.07
CA SER A 452 25.29 0.66 10.46
C SER A 452 24.83 -0.18 9.30
N SER A 453 24.64 0.48 8.16
CA SER A 453 24.18 -0.18 6.96
C SER A 453 25.13 -1.29 6.57
N MET A 454 26.40 -0.95 6.42
CA MET A 454 27.41 -1.90 5.99
C MET A 454 27.61 -3.06 6.99
N VAL A 455 27.55 -2.73 8.28
CA VAL A 455 27.59 -3.74 9.35
C VAL A 455 26.46 -4.74 9.14
N SER A 456 25.28 -4.25 8.78
CA SER A 456 24.12 -5.11 8.52
C SER A 456 24.29 -5.98 7.26
N THR A 457 24.81 -5.37 6.20
CA THR A 457 25.10 -6.10 4.95
C THR A 457 26.00 -7.29 5.25
N MET A 458 27.04 -7.01 6.02
CA MET A 458 28.10 -7.97 6.26
C MET A 458 27.62 -9.04 7.21
N ALA A 459 26.75 -8.64 8.14
CA ALA A 459 26.09 -9.56 9.05
C ALA A 459 25.24 -10.55 8.27
N GLN A 460 24.57 -10.09 7.22
CA GLN A 460 23.73 -10.97 6.43
C GLN A 460 24.54 -12.02 5.70
N LEU A 461 25.58 -11.58 5.00
CA LEU A 461 26.50 -12.46 4.32
C LEU A 461 26.97 -13.58 5.24
N TYR A 462 27.27 -13.22 6.47
CA TYR A 462 27.69 -14.15 7.46
C TYR A 462 26.60 -15.19 7.73
N VAL A 463 25.39 -14.73 8.07
CA VAL A 463 24.32 -15.57 8.59
C VAL A 463 23.88 -16.60 7.55
N TYR A 464 23.90 -16.21 6.28
CA TYR A 464 23.54 -17.13 5.18
C TYR A 464 24.74 -17.95 4.77
N GLY A 465 25.82 -17.81 5.54
CA GLY A 465 27.01 -18.61 5.34
C GLY A 465 27.78 -18.33 4.08
N HIS A 466 27.76 -17.10 3.57
CA HIS A 466 28.63 -16.74 2.44
C HIS A 466 29.94 -16.32 2.97
N ASP A 467 30.96 -16.26 2.11
CA ASP A 467 32.24 -15.79 2.57
C ASP A 467 32.14 -14.42 3.22
N LEU A 468 32.71 -14.33 4.41
CA LEU A 468 32.77 -13.10 5.17
C LEU A 468 33.53 -13.40 6.46
N ASP A 469 34.70 -12.80 6.62
CA ASP A 469 35.44 -13.03 7.84
C ASP A 469 34.92 -12.10 8.94
N ILE A 470 34.01 -12.62 9.76
CA ILE A 470 33.33 -11.81 10.74
C ILE A 470 34.29 -11.23 11.81
N ARG A 471 35.47 -11.84 11.91
CA ARG A 471 36.53 -11.35 12.79
C ARG A 471 36.95 -9.92 12.44
N THR A 472 36.73 -9.56 11.18
CA THR A 472 37.17 -8.24 10.71
C THR A 472 36.16 -7.13 11.00
N LEU A 473 35.00 -7.45 11.56
CA LEU A 473 34.04 -6.44 11.94
C LEU A 473 34.41 -5.82 13.28
N PHE A 474 35.50 -6.30 13.88
CA PHE A 474 36.02 -5.76 15.12
C PHE A 474 37.50 -5.53 14.96
N SER A 475 38.03 -4.51 15.63
CA SER A 475 39.45 -4.21 15.52
C SER A 475 40.27 -5.12 16.43
N ARG A 476 41.53 -5.33 16.07
CA ARG A 476 42.46 -6.07 16.90
C ARG A 476 42.32 -5.61 18.35
N ALA A 477 42.16 -6.58 19.25
CA ALA A 477 42.03 -6.31 20.68
C ALA A 477 43.33 -5.75 21.22
N SER A 478 43.23 -4.75 22.10
CA SER A 478 44.41 -4.16 22.73
C SER A 478 44.75 -4.91 24.01
N GLY A 479 43.74 -5.05 24.88
CA GLY A 479 43.92 -5.75 26.15
C GLY A 479 42.74 -6.64 26.45
N PRO A 480 42.70 -7.21 27.67
CA PRO A 480 41.69 -8.21 27.97
C PRO A 480 40.30 -7.61 28.12
N GLN A 481 40.20 -6.29 28.26
CA GLN A 481 38.90 -5.62 28.32
C GLN A 481 38.22 -5.58 26.98
N ASP A 482 38.97 -5.90 25.92
CA ASP A 482 38.41 -5.94 24.59
C ASP A 482 37.66 -7.23 24.36
N TYR A 483 37.79 -8.16 25.31
CA TYR A 483 37.05 -9.43 25.31
C TYR A 483 35.98 -9.48 26.41
N ALA A 484 35.08 -10.47 26.31
CA ALA A 484 34.07 -10.68 27.36
C ALA A 484 34.04 -12.13 27.81
N ASN A 485 33.74 -12.35 29.09
CA ASN A 485 33.54 -13.70 29.63
C ASN A 485 32.20 -14.31 29.18
N ILE A 486 32.06 -14.52 27.87
CA ILE A 486 30.84 -15.11 27.33
C ILE A 486 30.80 -16.58 27.69
N PRO A 487 29.61 -17.11 28.05
CA PRO A 487 29.45 -18.52 28.43
C PRO A 487 30.05 -19.49 27.40
N PRO A 488 30.57 -20.65 27.87
CA PRO A 488 31.02 -21.74 27.00
C PRO A 488 29.93 -22.24 26.05
N PRO B 27 -20.17 -25.57 -0.10
CA PRO B 27 -20.89 -25.35 1.15
C PRO B 27 -22.25 -24.66 0.93
N GLY B 28 -22.99 -25.13 -0.07
CA GLY B 28 -24.08 -24.40 -0.72
C GLY B 28 -25.30 -23.90 0.04
N VAL B 29 -26.34 -23.60 -0.73
CA VAL B 29 -27.57 -22.93 -0.30
C VAL B 29 -28.50 -23.93 0.38
N THR B 30 -29.69 -23.48 0.78
CA THR B 30 -30.62 -24.42 1.41
C THR B 30 -31.97 -24.51 0.70
N GLU B 31 -32.58 -25.67 0.89
CA GLU B 31 -33.91 -26.02 0.42
C GLU B 31 -34.91 -25.06 1.04
N GLU B 32 -34.72 -24.74 2.32
CA GLU B 32 -35.60 -23.79 3.00
C GLU B 32 -35.34 -22.35 2.51
N ALA B 33 -34.09 -22.07 2.14
CA ALA B 33 -33.79 -20.80 1.45
C ALA B 33 -34.61 -20.77 0.17
N LEU B 34 -34.34 -21.75 -0.70
CA LEU B 34 -34.96 -21.85 -2.02
C LEU B 34 -36.48 -21.78 -1.98
N ARG B 35 -37.08 -22.46 -0.99
CA ARG B 35 -38.54 -22.42 -0.77
C ARG B 35 -39.02 -20.98 -0.56
N LEU B 36 -38.48 -20.32 0.48
CA LEU B 36 -38.77 -18.92 0.78
C LEU B 36 -38.51 -17.97 -0.40
N LYS B 37 -37.41 -18.21 -1.12
CA LYS B 37 -37.09 -17.43 -2.31
C LYS B 37 -38.24 -17.50 -3.32
N GLU B 38 -38.48 -18.69 -3.88
CA GLU B 38 -39.59 -18.91 -4.81
C GLU B 38 -40.88 -18.29 -4.29
N ALA B 39 -41.09 -18.41 -2.98
CA ALA B 39 -42.27 -17.85 -2.32
C ALA B 39 -42.29 -16.33 -2.37
N ALA B 40 -41.13 -15.72 -2.14
CA ALA B 40 -41.01 -14.26 -2.20
C ALA B 40 -41.11 -13.71 -3.63
N LEU B 41 -40.49 -14.43 -4.57
CA LEU B 41 -40.60 -14.09 -6.00
C LEU B 41 -42.07 -14.08 -6.44
N GLU B 42 -42.82 -15.13 -6.05
CA GLU B 42 -44.28 -15.20 -6.22
C GLU B 42 -44.94 -13.93 -5.68
N GLU B 43 -44.68 -13.62 -4.40
CA GLU B 43 -45.29 -12.48 -3.73
C GLU B 43 -44.91 -11.13 -4.35
N LEU B 44 -43.72 -11.07 -4.96
CA LEU B 44 -43.22 -9.84 -5.58
C LEU B 44 -44.05 -9.43 -6.81
N ALA B 45 -44.14 -10.32 -7.80
CA ALA B 45 -44.93 -10.10 -9.02
C ALA B 45 -46.37 -9.67 -8.75
N ALA B 46 -46.84 -9.89 -7.52
CA ALA B 46 -48.17 -9.45 -7.10
C ALA B 46 -48.36 -7.93 -7.17
N GLN B 47 -47.35 -7.17 -6.75
CA GLN B 47 -47.49 -5.71 -6.63
C GLN B 47 -47.70 -4.97 -7.95
N GLU B 48 -48.33 -3.80 -7.84
CA GLU B 48 -48.43 -2.84 -8.94
C GLU B 48 -47.03 -2.31 -9.25
N VAL B 49 -46.34 -3.00 -10.17
CA VAL B 49 -44.96 -2.64 -10.58
C VAL B 49 -44.83 -1.16 -10.87
N THR B 50 -43.87 -0.51 -10.22
CA THR B 50 -43.68 0.93 -10.34
C THR B 50 -42.45 1.30 -11.17
N ALA B 51 -42.38 2.57 -11.54
CA ALA B 51 -41.35 3.10 -12.44
C ALA B 51 -39.92 3.04 -11.87
N PRO B 52 -38.99 2.39 -12.60
CA PRO B 52 -37.59 2.43 -12.17
C PRO B 52 -37.09 3.87 -12.10
N LEU B 53 -36.13 4.14 -11.22
CA LEU B 53 -35.57 5.48 -11.11
C LEU B 53 -34.33 5.57 -11.99
N VAL B 54 -34.40 6.45 -12.99
CA VAL B 54 -33.38 6.50 -14.04
C VAL B 54 -32.39 7.62 -13.78
N PRO B 55 -31.09 7.28 -13.78
CA PRO B 55 -30.04 8.27 -13.59
C PRO B 55 -29.69 8.93 -14.92
N LEU B 56 -29.95 10.23 -15.03
CA LEU B 56 -29.59 10.99 -16.23
C LEU B 56 -28.38 11.88 -15.95
N ALA B 57 -27.22 11.50 -16.49
CA ALA B 57 -26.01 12.30 -16.34
C ALA B 57 -25.85 13.38 -17.43
N VAL B 58 -25.29 14.52 -17.01
CA VAL B 58 -24.94 15.63 -17.89
C VAL B 58 -23.61 16.18 -17.39
N SER B 59 -22.60 16.30 -18.25
CA SER B 59 -21.31 16.84 -17.82
C SER B 59 -20.53 17.59 -18.90
N ALA B 60 -19.70 18.53 -18.50
CA ALA B 60 -18.91 19.34 -19.42
C ALA B 60 -17.59 19.69 -18.76
N PHE B 61 -16.75 20.47 -19.45
CA PHE B 61 -15.50 20.87 -18.86
C PHE B 61 -15.75 21.93 -17.80
N LEU B 62 -16.90 22.59 -17.89
CA LEU B 62 -17.19 23.74 -17.03
C LEU B 62 -18.66 23.76 -16.67
N THR B 63 -18.95 24.23 -15.46
CA THR B 63 -20.34 24.34 -15.03
C THR B 63 -21.22 25.08 -16.05
N SER B 64 -20.77 26.23 -16.56
CA SER B 64 -21.60 27.04 -17.47
C SER B 64 -21.98 26.28 -18.74
N ARG B 65 -21.02 25.56 -19.32
CA ARG B 65 -21.30 24.67 -20.47
C ARG B 65 -22.26 23.51 -20.11
N LYS B 66 -22.25 23.09 -18.83
CA LYS B 66 -23.10 22.01 -18.36
C LYS B 66 -24.54 22.47 -18.12
N LYS B 67 -24.69 23.68 -17.58
CA LYS B 67 -26.03 24.27 -17.47
C LYS B 67 -26.68 24.46 -18.83
N ALA B 68 -25.85 24.69 -19.84
CA ALA B 68 -26.35 24.88 -21.20
C ALA B 68 -26.84 23.57 -21.81
N ALA B 69 -26.04 22.52 -21.65
CA ALA B 69 -26.39 21.18 -22.10
C ALA B 69 -27.66 20.67 -21.41
N ALA B 70 -27.77 20.92 -20.10
CA ALA B 70 -28.96 20.55 -19.32
C ALA B 70 -30.19 21.25 -19.88
N ALA B 71 -29.99 22.49 -20.32
CA ALA B 71 -31.06 23.33 -20.86
C ALA B 71 -31.55 22.74 -22.15
N GLU B 72 -30.58 22.39 -23.00
CA GLU B 72 -30.85 21.87 -24.33
C GLU B 72 -31.41 20.48 -24.29
N LEU B 73 -30.91 19.67 -23.36
CA LEU B 73 -31.46 18.35 -23.13
C LEU B 73 -32.94 18.43 -22.68
N ALA B 74 -33.23 19.29 -21.72
CA ALA B 74 -34.60 19.51 -21.32
C ALA B 74 -35.46 19.91 -22.53
N ASP B 75 -34.98 20.87 -23.31
CA ASP B 75 -35.69 21.30 -24.52
C ASP B 75 -35.95 20.11 -25.42
N TRP B 76 -34.90 19.34 -25.69
CA TRP B 76 -35.03 18.16 -26.51
C TRP B 76 -36.04 17.18 -26.01
N MET B 77 -36.10 16.99 -24.69
CA MET B 77 -37.08 16.08 -24.08
C MET B 77 -38.52 16.54 -24.27
N GLN B 78 -38.70 17.84 -24.44
CA GLN B 78 -40.02 18.40 -24.71
C GLN B 78 -40.42 18.14 -26.17
N SER B 79 -39.42 18.08 -27.05
CA SER B 79 -39.66 17.86 -28.46
C SER B 79 -40.38 16.54 -28.67
N PRO B 80 -41.24 16.46 -29.71
CA PRO B 80 -41.93 15.22 -30.07
C PRO B 80 -41.05 13.98 -29.99
N GLU B 81 -39.82 14.06 -30.48
CA GLU B 81 -38.94 12.88 -30.48
C GLU B 81 -38.28 12.59 -29.12
N GLY B 82 -38.08 13.64 -28.32
CA GLY B 82 -37.73 13.45 -26.91
C GLY B 82 -38.86 12.74 -26.19
N GLN B 83 -40.08 13.24 -26.39
CA GLN B 83 -41.27 12.62 -25.85
C GLN B 83 -41.39 11.15 -26.22
N ALA B 84 -41.16 10.83 -27.50
CA ALA B 84 -41.21 9.45 -27.98
C ALA B 84 -40.05 8.55 -27.50
N SER B 85 -39.00 9.14 -26.94
CA SER B 85 -37.87 8.36 -26.40
C SER B 85 -38.09 7.90 -24.95
N SER B 86 -37.81 6.62 -24.69
CA SER B 86 -37.94 6.03 -23.35
C SER B 86 -36.89 6.59 -22.41
N LEU B 87 -37.30 6.87 -21.18
CA LEU B 87 -36.37 7.41 -20.20
C LEU B 87 -35.08 6.59 -20.11
N GLU B 88 -35.19 5.27 -20.16
CA GLU B 88 -34.01 4.42 -20.14
C GLU B 88 -33.02 4.70 -21.29
N SER B 89 -33.55 4.74 -22.52
CA SER B 89 -32.71 4.96 -23.70
C SER B 89 -32.03 6.33 -23.62
N ILE B 90 -32.75 7.34 -23.16
CA ILE B 90 -32.12 8.63 -22.86
C ILE B 90 -30.92 8.45 -21.90
N GLY B 91 -31.16 7.71 -20.82
CA GLY B 91 -30.13 7.48 -19.80
C GLY B 91 -28.95 6.73 -20.35
N ARG B 92 -29.20 5.69 -21.14
CA ARG B 92 -28.10 4.95 -21.76
C ARG B 92 -27.26 5.91 -22.61
N SER B 93 -27.95 6.66 -23.48
CA SER B 93 -27.30 7.64 -24.37
C SER B 93 -26.43 8.60 -23.56
N LEU B 94 -27.01 9.21 -22.53
CA LEU B 94 -26.22 10.12 -21.69
C LEU B 94 -24.96 9.47 -21.12
N SER B 95 -25.03 8.18 -20.78
CA SER B 95 -23.93 7.51 -20.09
C SER B 95 -22.75 7.19 -21.01
N ARG B 96 -22.97 7.18 -22.32
CA ARG B 96 -21.88 6.94 -23.27
C ARG B 96 -21.20 8.24 -23.74
N ARG B 97 -21.76 9.38 -23.35
CA ARG B 97 -21.08 10.67 -23.50
C ARG B 97 -19.74 10.67 -22.77
N ASN B 98 -18.92 11.67 -23.09
CA ASN B 98 -17.70 11.92 -22.35
C ASN B 98 -18.06 12.48 -20.98
N HIS B 99 -17.46 11.96 -19.93
CA HIS B 99 -17.85 12.49 -18.64
C HIS B 99 -16.86 13.47 -18.16
N GLY B 100 -17.19 14.75 -18.35
CA GLY B 100 -16.33 15.85 -17.97
C GLY B 100 -16.13 16.00 -16.48
N ARG B 101 -15.45 17.07 -16.09
CA ARG B 101 -15.07 17.28 -14.72
C ARG B 101 -16.19 17.94 -13.94
N SER B 102 -17.06 18.65 -14.65
CA SER B 102 -18.20 19.29 -14.00
C SER B 102 -19.43 18.43 -14.27
N ARG B 103 -20.01 17.87 -13.22
CA ARG B 103 -21.06 16.87 -13.40
C ARG B 103 -22.38 17.16 -12.69
N ALA B 104 -23.43 16.55 -13.20
CA ALA B 104 -24.73 16.52 -12.57
C ALA B 104 -25.46 15.23 -12.96
N VAL B 105 -26.40 14.82 -12.10
CA VAL B 105 -27.29 13.73 -12.41
C VAL B 105 -28.69 14.17 -12.01
N VAL B 106 -29.63 13.91 -12.90
CA VAL B 106 -31.05 14.05 -12.57
C VAL B 106 -31.58 12.63 -12.40
N LEU B 107 -32.18 12.37 -11.25
CA LEU B 107 -32.75 11.06 -11.01
C LEU B 107 -34.23 11.20 -11.29
N ALA B 108 -34.73 10.49 -12.29
CA ALA B 108 -36.13 10.61 -12.67
C ALA B 108 -36.89 9.28 -12.84
N HIS B 109 -38.18 9.33 -12.51
CA HIS B 109 -39.12 8.23 -12.73
C HIS B 109 -39.80 8.36 -14.07
N ASP B 110 -39.95 9.60 -14.55
CA ASP B 110 -40.65 9.87 -15.81
C ASP B 110 -40.12 11.15 -16.48
N HIS B 111 -40.57 11.41 -17.71
CA HIS B 111 -40.18 12.60 -18.47
C HIS B 111 -40.36 13.92 -17.76
N ASP B 112 -41.45 14.06 -17.01
CA ASP B 112 -41.77 15.31 -16.33
C ASP B 112 -40.79 15.61 -15.20
N GLU B 113 -40.46 14.60 -14.41
CA GLU B 113 -39.51 14.74 -13.33
C GLU B 113 -38.13 15.10 -13.90
N ALA B 114 -37.81 14.51 -15.04
CA ALA B 114 -36.53 14.70 -15.71
C ALA B 114 -36.38 16.13 -16.19
N ILE B 115 -37.40 16.64 -16.87
CA ILE B 115 -37.38 17.99 -17.39
C ILE B 115 -37.22 18.98 -16.23
N LYS B 116 -38.08 18.84 -15.21
CA LYS B 116 -38.00 19.73 -14.04
C LYS B 116 -36.56 19.71 -13.51
N GLY B 117 -36.03 18.50 -13.32
CA GLY B 117 -34.70 18.34 -12.76
C GLY B 117 -33.62 18.99 -13.59
N LEU B 118 -33.69 18.78 -14.90
CA LEU B 118 -32.76 19.37 -15.84
C LEU B 118 -32.80 20.90 -15.81
N ARG B 119 -34.00 21.45 -15.64
CA ARG B 119 -34.18 22.91 -15.59
C ARG B 119 -33.46 23.49 -14.39
N ALA B 120 -33.51 22.74 -13.29
CA ALA B 120 -32.86 23.10 -12.05
C ALA B 120 -31.34 23.03 -12.20
N VAL B 121 -30.85 22.00 -12.88
CA VAL B 121 -29.43 21.94 -13.20
C VAL B 121 -29.06 23.15 -14.06
N ALA B 122 -29.85 23.41 -15.11
CA ALA B 122 -29.58 24.55 -15.99
C ALA B 122 -29.58 25.84 -15.17
N ALA B 123 -30.49 25.91 -14.19
CA ALA B 123 -30.68 27.09 -13.34
C ALA B 123 -29.67 27.23 -12.20
N GLY B 124 -29.01 26.13 -11.83
CA GLY B 124 -28.11 26.15 -10.67
C GLY B 124 -28.88 26.17 -9.36
N LYS B 125 -30.17 25.88 -9.43
CA LYS B 125 -31.03 25.68 -8.28
C LYS B 125 -30.90 24.23 -7.82
N GLN B 126 -31.03 23.99 -6.52
CA GLN B 126 -30.97 22.64 -6.01
C GLN B 126 -32.36 22.03 -5.98
N ALA B 127 -32.39 20.70 -5.99
CA ALA B 127 -33.61 19.91 -5.92
C ALA B 127 -33.28 18.54 -5.34
N PRO B 128 -34.23 17.94 -4.62
CA PRO B 128 -33.98 16.65 -3.98
C PRO B 128 -33.45 15.60 -4.93
N ASN B 129 -34.05 15.52 -6.12
CA ASN B 129 -33.63 14.52 -7.12
C ASN B 129 -32.43 14.93 -7.96
N VAL B 130 -31.77 16.02 -7.57
CA VAL B 130 -30.66 16.55 -8.33
C VAL B 130 -29.38 16.61 -7.52
N PHE B 131 -28.31 16.06 -8.09
CA PHE B 131 -26.94 16.25 -7.57
C PHE B 131 -26.06 16.94 -8.64
N SER B 132 -25.47 18.08 -8.28
CA SER B 132 -24.65 18.88 -9.22
C SER B 132 -23.46 19.57 -8.58
N VAL B 133 -22.28 19.41 -9.17
CA VAL B 133 -21.07 19.98 -8.60
C VAL B 133 -20.13 20.60 -9.68
N ASP B 134 -19.33 21.59 -9.31
CA ASP B 134 -18.50 22.30 -10.30
C ASP B 134 -17.29 21.54 -10.81
N GLY B 135 -16.76 20.66 -9.98
CA GLY B 135 -15.58 19.85 -10.33
C GLY B 135 -15.47 18.71 -9.33
N PRO B 136 -14.54 17.77 -9.57
CA PRO B 136 -14.44 16.62 -8.69
C PRO B 136 -13.94 16.95 -7.29
N VAL B 137 -14.59 16.37 -6.28
CA VAL B 137 -13.99 16.18 -4.97
C VAL B 137 -12.66 15.47 -5.25
N THR B 138 -11.61 15.83 -4.54
CA THR B 138 -10.26 15.42 -4.93
C THR B 138 -9.67 14.38 -3.99
N THR B 139 -10.36 14.12 -2.89
CA THR B 139 -9.95 13.03 -2.03
C THR B 139 -11.01 11.95 -2.11
N GLY B 140 -10.56 10.70 -2.23
CA GLY B 140 -11.45 9.53 -2.31
C GLY B 140 -12.38 9.36 -1.11
N PRO B 141 -13.41 8.51 -1.26
CA PRO B 141 -14.40 8.34 -0.19
C PRO B 141 -13.91 7.50 0.98
N VAL B 142 -14.46 7.83 2.15
CA VAL B 142 -14.40 6.97 3.33
C VAL B 142 -15.66 6.12 3.35
N TRP B 143 -15.44 4.81 3.31
CA TRP B 143 -16.52 3.86 3.53
C TRP B 143 -16.72 3.69 5.00
N VAL B 144 -17.94 4.00 5.43
CA VAL B 144 -18.37 3.87 6.80
C VAL B 144 -19.01 2.48 6.95
N LEU B 145 -18.43 1.63 7.80
CA LEU B 145 -19.03 0.33 8.16
C LEU B 145 -19.46 0.32 9.63
N ALA B 146 -20.73 0.64 9.88
CA ALA B 146 -21.26 0.68 11.22
C ALA B 146 -22.22 -0.50 11.45
N GLY B 147 -23.48 -0.22 11.78
CA GLY B 147 -24.48 -1.29 11.92
C GLY B 147 -25.33 -1.27 13.18
N PHE B 148 -24.70 -1.06 14.33
CA PHE B 148 -25.40 -0.99 15.60
C PHE B 148 -26.61 -0.05 15.51
N GLY B 149 -27.81 -0.61 15.69
CA GLY B 149 -29.06 0.13 15.54
C GLY B 149 -29.59 0.17 14.10
N ALA B 150 -28.94 -0.53 13.20
CA ALA B 150 -29.29 -0.43 11.78
C ALA B 150 -30.31 -1.48 11.29
N GLN B 151 -30.37 -2.64 11.97
CA GLN B 151 -31.25 -3.77 11.57
C GLN B 151 -32.75 -3.42 11.54
N HIS B 152 -33.47 -4.10 10.65
CA HIS B 152 -34.93 -4.05 10.57
C HIS B 152 -35.41 -5.29 9.85
N ARG B 153 -36.62 -5.73 10.18
CA ARG B 153 -37.13 -7.07 9.78
C ARG B 153 -36.77 -7.44 8.34
N LYS B 154 -37.24 -6.61 7.42
CA LYS B 154 -37.12 -6.90 6.00
C LYS B 154 -35.75 -6.53 5.39
N MET B 155 -34.82 -6.03 6.19
CA MET B 155 -33.52 -5.52 5.69
C MET B 155 -32.84 -6.43 4.67
N GLY B 156 -32.54 -5.85 3.50
CA GLY B 156 -31.76 -6.50 2.46
C GLY B 156 -32.54 -7.46 1.58
N LYS B 157 -33.81 -7.66 1.90
CA LYS B 157 -34.62 -8.66 1.22
C LYS B 157 -34.85 -8.26 -0.23
N SER B 158 -35.49 -7.09 -0.38
CA SER B 158 -35.82 -6.54 -1.67
C SER B 158 -34.62 -6.60 -2.62
N LEU B 159 -33.50 -6.02 -2.19
CA LEU B 159 -32.34 -5.97 -3.07
C LEU B 159 -31.82 -7.36 -3.41
N TYR B 160 -32.03 -8.34 -2.51
CA TYR B 160 -31.57 -9.71 -2.77
C TYR B 160 -32.36 -10.34 -3.91
N LEU B 161 -33.66 -10.09 -3.89
CA LEU B 161 -34.59 -10.59 -4.89
C LEU B 161 -34.32 -9.97 -6.24
N ARG B 162 -33.96 -8.69 -6.22
CA ARG B 162 -34.03 -7.83 -7.39
C ARG B 162 -32.65 -7.40 -7.94
N ASN B 163 -31.56 -8.04 -7.50
CA ASN B 163 -30.21 -7.67 -7.95
C ASN B 163 -29.21 -8.83 -7.87
N GLU B 164 -28.85 -9.36 -9.04
CA GLU B 164 -27.92 -10.50 -9.19
C GLU B 164 -26.64 -10.37 -8.39
N VAL B 165 -25.93 -9.24 -8.53
CA VAL B 165 -24.56 -9.11 -7.98
C VAL B 165 -24.60 -9.09 -6.45
N PHE B 166 -25.58 -8.36 -5.91
CA PHE B 166 -25.82 -8.31 -4.48
C PHE B 166 -26.17 -9.71 -3.98
N ALA B 167 -27.12 -10.35 -4.66
CA ALA B 167 -27.62 -11.67 -4.28
C ALA B 167 -26.51 -12.70 -4.16
N ALA B 168 -25.57 -12.66 -5.11
CA ALA B 168 -24.46 -13.63 -5.16
C ALA B 168 -23.51 -13.49 -3.98
N TRP B 169 -23.40 -12.27 -3.47
CA TRP B 169 -22.49 -12.02 -2.36
C TRP B 169 -23.18 -12.32 -1.07
N ILE B 170 -24.47 -12.03 -0.99
CA ILE B 170 -25.30 -12.45 0.11
C ILE B 170 -25.11 -13.97 0.28
N GLU B 171 -25.20 -14.68 -0.84
CA GLU B 171 -25.04 -16.14 -0.86
C GLU B 171 -23.64 -16.59 -0.52
N LYS B 172 -22.61 -15.89 -1.01
CA LYS B 172 -21.24 -16.31 -0.73
C LYS B 172 -20.98 -16.20 0.76
N VAL B 173 -21.60 -15.19 1.39
CA VAL B 173 -21.47 -14.95 2.80
C VAL B 173 -22.34 -15.96 3.56
N ASP B 174 -23.58 -16.13 3.12
CA ASP B 174 -24.49 -17.11 3.72
C ASP B 174 -23.82 -18.48 3.81
N ALA B 175 -23.15 -18.90 2.74
CA ALA B 175 -22.43 -20.17 2.72
C ALA B 175 -21.30 -20.22 3.76
N LEU B 176 -20.56 -19.12 3.88
CA LEU B 176 -19.46 -19.04 4.86
C LEU B 176 -19.96 -19.08 6.30
N VAL B 177 -21.19 -18.61 6.49
CA VAL B 177 -21.86 -18.55 7.78
C VAL B 177 -22.39 -19.92 8.19
N GLN B 178 -23.06 -20.61 7.26
CA GLN B 178 -23.50 -21.99 7.45
C GLN B 178 -22.30 -22.85 7.88
N ASP B 179 -21.18 -22.66 7.19
CA ASP B 179 -19.96 -23.42 7.45
C ASP B 179 -19.27 -23.09 8.77
N GLU B 180 -19.62 -21.95 9.38
CA GLU B 180 -19.00 -21.56 10.64
C GLU B 180 -19.96 -21.70 11.82
N LEU B 181 -21.25 -21.46 11.58
CA LEU B 181 -22.22 -21.32 12.66
C LEU B 181 -23.47 -22.19 12.51
N GLY B 182 -23.52 -23.02 11.46
CA GLY B 182 -24.58 -24.00 11.28
C GLY B 182 -26.02 -23.52 11.04
N TYR B 183 -26.18 -22.26 10.62
CA TYR B 183 -27.46 -21.77 10.09
C TYR B 183 -27.29 -20.82 8.88
N SER B 184 -28.41 -20.42 8.30
CA SER B 184 -28.38 -19.67 7.06
C SER B 184 -28.81 -18.25 7.26
N VAL B 185 -27.89 -17.33 6.97
CA VAL B 185 -28.22 -15.91 7.02
C VAL B 185 -29.35 -15.60 6.05
N LEU B 186 -29.30 -16.21 4.87
CA LEU B 186 -30.24 -15.92 3.78
C LEU B 186 -31.66 -16.29 4.18
N GLU B 187 -31.78 -17.43 4.84
CA GLU B 187 -33.06 -17.88 5.37
C GLU B 187 -33.72 -16.79 6.22
N LEU B 188 -32.89 -16.08 7.01
CA LEU B 188 -33.36 -15.00 7.87
C LEU B 188 -33.91 -13.82 7.06
N ILE B 189 -33.14 -13.39 6.06
CA ILE B 189 -33.51 -12.23 5.25
C ILE B 189 -34.87 -12.44 4.61
N LEU B 190 -35.02 -13.61 4.00
CA LEU B 190 -36.22 -13.98 3.24
C LEU B 190 -37.43 -14.16 4.16
N ASP B 191 -37.19 -14.72 5.34
CA ASP B 191 -38.25 -14.96 6.29
C ASP B 191 -38.76 -13.68 6.94
N ASP B 192 -39.96 -13.26 6.55
CA ASP B 192 -40.61 -12.12 7.18
C ASP B 192 -41.06 -12.45 8.59
N ALA B 193 -41.38 -13.72 8.80
CA ALA B 193 -41.83 -14.22 10.09
C ALA B 193 -40.76 -14.00 11.16
N GLN B 194 -39.53 -14.37 10.83
CA GLN B 194 -38.43 -14.33 11.79
C GLN B 194 -37.78 -12.95 11.91
N ASP B 195 -37.11 -12.73 13.05
CA ASP B 195 -36.48 -11.47 13.34
C ASP B 195 -35.06 -11.68 13.87
N TYR B 196 -34.38 -10.59 14.24
CA TYR B 196 -32.94 -10.64 14.54
C TYR B 196 -32.62 -10.46 16.03
N GLY B 197 -31.59 -11.16 16.49
CA GLY B 197 -31.13 -11.06 17.87
C GLY B 197 -29.70 -10.59 17.89
N ILE B 198 -29.14 -10.43 19.08
CA ILE B 198 -27.78 -9.93 19.22
C ILE B 198 -26.84 -10.60 18.23
N GLU B 199 -26.86 -11.93 18.20
CA GLU B 199 -25.98 -12.69 17.32
C GLU B 199 -26.30 -12.47 15.84
N THR B 200 -27.58 -12.60 15.48
CA THR B 200 -28.00 -12.68 14.08
C THR B 200 -28.04 -11.34 13.33
N THR B 201 -28.17 -10.25 14.09
CA THR B 201 -28.02 -8.92 13.57
C THR B 201 -26.61 -8.77 13.03
N GLN B 202 -25.63 -9.12 13.87
CA GLN B 202 -24.22 -8.99 13.53
C GLN B 202 -23.79 -9.77 12.29
N VAL B 203 -24.36 -10.95 12.10
CA VAL B 203 -24.04 -11.78 10.94
C VAL B 203 -24.81 -11.33 9.70
N THR B 204 -26.08 -11.00 9.88
CA THR B 204 -26.88 -10.54 8.75
C THR B 204 -26.37 -9.18 8.21
N ILE B 205 -26.19 -8.21 9.11
CA ILE B 205 -25.68 -6.90 8.71
C ILE B 205 -24.30 -7.03 8.09
N PHE B 206 -23.48 -7.94 8.60
CA PHE B 206 -22.18 -8.18 7.98
C PHE B 206 -22.44 -8.58 6.54
N ALA B 207 -23.33 -9.54 6.36
CA ALA B 207 -23.66 -10.05 5.04
C ALA B 207 -24.09 -8.92 4.10
N ILE B 208 -25.01 -8.11 4.56
CA ILE B 208 -25.55 -7.00 3.78
C ILE B 208 -24.47 -5.99 3.39
N GLN B 209 -23.56 -5.71 4.33
CA GLN B 209 -22.42 -4.80 4.12
C GLN B 209 -21.44 -5.37 3.09
N ILE B 210 -21.17 -6.66 3.16
CA ILE B 210 -20.22 -7.27 2.25
C ILE B 210 -20.75 -7.14 0.82
N ALA B 211 -22.06 -7.33 0.71
CA ALA B 211 -22.69 -7.45 -0.58
C ALA B 211 -22.85 -6.08 -1.23
N LEU B 212 -23.30 -5.11 -0.44
CA LEU B 212 -23.45 -3.75 -0.91
C LEU B 212 -22.10 -3.23 -1.43
N GLY B 213 -21.03 -3.51 -0.69
CA GLY B 213 -19.72 -2.98 -1.03
C GLY B 213 -19.17 -3.62 -2.27
N GLU B 214 -19.49 -4.89 -2.45
CA GLU B 214 -19.05 -5.62 -3.63
C GLU B 214 -19.93 -5.27 -4.82
N LEU B 215 -21.12 -4.74 -4.53
CA LEU B 215 -22.00 -4.19 -5.55
C LEU B 215 -21.35 -2.95 -6.14
N LEU B 216 -21.02 -2.01 -5.27
CA LEU B 216 -20.35 -0.79 -5.68
C LEU B 216 -19.05 -1.07 -6.43
N ARG B 217 -18.26 -2.03 -5.94
CA ARG B 217 -17.04 -2.40 -6.63
C ARG B 217 -17.33 -2.92 -8.04
N HIS B 218 -18.46 -3.61 -8.21
CA HIS B 218 -18.87 -4.14 -9.51
C HIS B 218 -19.15 -2.98 -10.46
N HIS B 219 -19.67 -1.88 -9.94
CA HIS B 219 -19.90 -0.69 -10.74
C HIS B 219 -18.72 0.22 -10.85
N GLY B 220 -17.55 -0.21 -10.38
CA GLY B 220 -16.32 0.58 -10.50
C GLY B 220 -15.87 1.34 -9.26
N ALA B 221 -16.75 1.48 -8.27
CA ALA B 221 -16.39 2.19 -7.03
C ALA B 221 -15.31 1.49 -6.21
N LYS B 222 -14.68 2.25 -5.32
CA LYS B 222 -13.74 1.70 -4.37
C LYS B 222 -13.45 2.73 -3.27
N PRO B 223 -13.06 2.25 -2.08
CA PRO B 223 -12.76 3.16 -1.00
C PRO B 223 -11.32 3.67 -1.06
N ALA B 224 -11.14 4.94 -0.72
CA ALA B 224 -9.81 5.48 -0.48
C ALA B 224 -9.46 5.10 0.94
N ALA B 225 -10.42 5.28 1.84
CA ALA B 225 -10.28 4.81 3.21
C ALA B 225 -11.57 4.15 3.69
N VAL B 226 -11.42 3.29 4.71
CA VAL B 226 -12.54 2.78 5.50
C VAL B 226 -12.44 3.19 6.97
N ILE B 227 -13.59 3.29 7.62
CA ILE B 227 -13.68 3.48 9.05
C ILE B 227 -14.72 2.49 9.57
N GLY B 228 -14.28 1.52 10.37
CA GLY B 228 -15.20 0.56 10.95
C GLY B 228 -15.66 1.11 12.27
N GLN B 229 -16.93 0.84 12.60
CA GLN B 229 -17.48 1.18 13.90
C GLN B 229 -18.14 -0.06 14.54
N SER B 230 -17.55 -0.53 15.64
CA SER B 230 -18.13 -1.62 16.45
C SER B 230 -18.48 -2.88 15.62
N LEU B 231 -19.76 -3.15 15.40
CA LEU B 231 -20.23 -4.28 14.58
C LEU B 231 -19.56 -4.34 13.20
N GLY B 232 -19.52 -3.19 12.51
CA GLY B 232 -19.03 -3.09 11.15
C GLY B 232 -17.52 -3.27 10.97
N GLU B 233 -16.80 -3.38 12.08
CA GLU B 233 -15.34 -3.50 12.05
C GLU B 233 -14.88 -4.68 11.22
N ALA B 234 -15.75 -5.68 11.10
CA ALA B 234 -15.42 -6.91 10.37
C ALA B 234 -15.41 -6.66 8.87
N ALA B 235 -16.53 -6.16 8.35
CA ALA B 235 -16.61 -5.83 6.93
C ALA B 235 -15.53 -4.79 6.58
N SER B 236 -15.31 -3.84 7.48
CA SER B 236 -14.26 -2.85 7.30
C SER B 236 -12.92 -3.52 7.05
N ALA B 237 -12.66 -4.62 7.76
CA ALA B 237 -11.40 -5.34 7.63
C ALA B 237 -11.27 -5.93 6.23
N TYR B 238 -12.37 -6.46 5.72
CA TYR B 238 -12.38 -7.06 4.38
C TYR B 238 -12.09 -6.01 3.29
N PHE B 239 -12.89 -4.95 3.30
CA PHE B 239 -12.80 -3.92 2.30
C PHE B 239 -11.47 -3.18 2.29
N ALA B 240 -10.73 -3.28 3.40
CA ALA B 240 -9.41 -2.66 3.49
C ALA B 240 -8.32 -3.65 3.09
N GLY B 241 -8.72 -4.85 2.71
CA GLY B 241 -7.79 -5.94 2.42
C GLY B 241 -6.98 -6.42 3.62
N GLY B 242 -7.54 -6.25 4.82
CA GLY B 242 -6.89 -6.68 6.06
C GLY B 242 -7.08 -8.17 6.35
N LEU B 243 -8.21 -8.71 5.93
CA LEU B 243 -8.53 -10.13 6.07
C LEU B 243 -9.24 -10.63 4.81
N SER B 244 -9.18 -11.93 4.57
CA SER B 244 -9.95 -12.54 3.49
C SER B 244 -11.43 -12.54 3.88
N LEU B 245 -12.31 -12.85 2.95
CA LEU B 245 -13.73 -12.96 3.30
C LEU B 245 -13.94 -14.08 4.32
N ARG B 246 -13.14 -15.16 4.21
CA ARG B 246 -13.18 -16.25 5.17
C ARG B 246 -12.97 -15.67 6.57
N ASP B 247 -11.81 -15.09 6.79
CA ASP B 247 -11.41 -14.59 8.10
C ASP B 247 -12.29 -13.45 8.64
N ALA B 248 -12.71 -12.53 7.78
CA ALA B 248 -13.65 -11.51 8.19
C ALA B 248 -14.97 -12.12 8.68
N THR B 249 -15.38 -13.24 8.09
CA THR B 249 -16.54 -13.98 8.59
C THR B 249 -16.21 -14.72 9.91
N ARG B 250 -15.01 -15.30 10.00
CA ARG B 250 -14.48 -15.78 11.28
C ARG B 250 -14.70 -14.69 12.33
N ALA B 251 -14.18 -13.50 12.04
CA ALA B 251 -14.25 -12.36 12.94
C ALA B 251 -15.67 -12.12 13.48
N ILE B 252 -16.62 -11.90 12.59
CA ILE B 252 -17.97 -11.53 13.02
C ILE B 252 -18.77 -12.72 13.63
N CYS B 253 -18.44 -13.93 13.22
CA CYS B 253 -19.10 -15.12 13.73
C CYS B 253 -18.69 -15.43 15.18
N SER B 254 -17.38 -15.36 15.43
CA SER B 254 -16.82 -15.49 16.78
C SER B 254 -17.38 -14.48 17.78
N ARG B 255 -17.06 -13.20 17.62
CA ARG B 255 -17.61 -12.20 18.53
C ARG B 255 -19.12 -12.35 18.59
N SER B 256 -19.75 -12.65 17.45
CA SER B 256 -21.19 -12.71 17.34
C SER B 256 -21.78 -13.67 18.37
N HIS B 257 -21.39 -14.95 18.30
CA HIS B 257 -22.06 -15.96 19.11
C HIS B 257 -21.68 -15.91 20.57
N LEU B 258 -20.41 -15.62 20.86
CA LEU B 258 -19.98 -15.39 22.24
C LEU B 258 -20.78 -14.26 22.89
N MET B 259 -21.02 -13.18 22.16
CA MET B 259 -21.75 -12.03 22.70
C MET B 259 -23.18 -12.40 22.95
N GLY B 260 -23.82 -13.04 21.98
CA GLY B 260 -25.25 -13.33 22.06
C GLY B 260 -25.55 -14.32 23.15
N GLU B 261 -24.65 -15.30 23.33
CA GLU B 261 -24.82 -16.35 24.32
C GLU B 261 -24.54 -15.83 25.71
N GLY B 262 -23.47 -15.05 25.84
CA GLY B 262 -23.12 -14.38 27.10
C GLY B 262 -24.27 -13.54 27.62
N GLU B 263 -24.82 -12.72 26.73
CA GLU B 263 -25.96 -11.85 27.03
C GLU B 263 -27.20 -12.60 27.54
N ALA B 264 -27.29 -13.87 27.19
CA ALA B 264 -28.39 -14.71 27.66
C ALA B 264 -28.19 -15.09 29.15
N MET B 265 -26.93 -15.24 29.55
CA MET B 265 -26.58 -15.65 30.91
C MET B 265 -26.67 -14.51 31.93
N LEU B 266 -26.85 -13.27 31.47
CA LEU B 266 -26.84 -12.10 32.37
C LEU B 266 -28.16 -11.91 33.08
N PHE B 267 -28.07 -11.57 34.37
CA PHE B 267 -29.24 -11.42 35.25
C PHE B 267 -28.91 -10.53 36.44
N GLY B 268 -29.96 -10.09 37.14
CA GLY B 268 -29.84 -9.22 38.31
C GLY B 268 -28.79 -8.13 38.18
N GLU B 269 -27.81 -8.16 39.07
CA GLU B 269 -26.77 -7.14 39.14
C GLU B 269 -25.89 -7.04 37.87
N TYR B 270 -25.75 -8.14 37.16
CA TYR B 270 -24.86 -8.18 35.99
C TYR B 270 -25.47 -7.45 34.78
N ILE B 271 -26.79 -7.44 34.72
CA ILE B 271 -27.51 -6.71 33.69
C ILE B 271 -26.94 -5.30 33.45
N ARG B 272 -26.55 -5.06 32.20
CA ARG B 272 -26.07 -3.77 31.74
C ARG B 272 -26.91 -3.33 30.54
N LEU B 273 -27.66 -2.24 30.68
CA LEU B 273 -28.36 -1.66 29.52
C LEU B 273 -27.45 -0.84 28.57
N MET B 274 -27.92 -0.64 27.34
CA MET B 274 -27.21 0.12 26.31
C MET B 274 -28.10 1.14 25.65
N ALA B 275 -27.59 2.37 25.48
CA ALA B 275 -28.39 3.44 24.87
C ALA B 275 -27.58 4.46 24.08
N LEU B 276 -28.20 4.94 23.01
CA LEU B 276 -27.76 6.14 22.33
C LEU B 276 -28.46 7.32 22.95
N VAL B 277 -27.67 8.23 23.50
CA VAL B 277 -28.22 9.45 24.07
C VAL B 277 -27.57 10.71 23.50
N GLU B 278 -28.36 11.78 23.43
CA GLU B 278 -27.88 13.08 22.97
C GLU B 278 -27.11 13.82 24.07
N TYR B 279 -26.07 13.18 24.61
CA TYR B 279 -25.13 13.87 25.49
C TYR B 279 -23.72 13.52 25.09
N SER B 280 -22.83 14.49 25.27
CA SER B 280 -21.42 14.30 25.02
C SER B 280 -20.88 13.33 26.05
N ALA B 281 -19.62 12.93 25.91
CA ALA B 281 -18.98 12.09 26.92
C ALA B 281 -18.75 12.90 28.20
N ASP B 282 -18.39 14.17 28.00
CA ASP B 282 -18.16 15.12 29.09
C ASP B 282 -19.46 15.47 29.81
N GLU B 283 -20.58 15.36 29.10
CA GLU B 283 -21.86 15.62 29.73
C GLU B 283 -22.33 14.41 30.54
N ILE B 284 -21.73 13.26 30.30
CA ILE B 284 -22.17 12.03 30.93
C ILE B 284 -21.36 11.69 32.15
N ARG B 285 -20.05 11.52 31.98
CA ARG B 285 -19.15 11.20 33.08
C ARG B 285 -19.17 12.33 34.13
N GLU B 286 -19.60 13.52 33.70
CA GLU B 286 -19.63 14.69 34.56
C GLU B 286 -21.04 15.11 35.00
N VAL B 287 -21.88 15.58 34.08
CA VAL B 287 -23.25 16.02 34.42
C VAL B 287 -24.12 14.93 35.07
N PHE B 288 -23.65 13.68 35.00
CA PHE B 288 -24.33 12.56 35.65
C PHE B 288 -23.41 11.83 36.63
N SER B 289 -22.78 12.57 37.54
CA SER B 289 -21.92 11.99 38.58
C SER B 289 -22.70 11.06 39.51
N ASP B 290 -23.94 11.42 39.81
CA ASP B 290 -24.85 10.60 40.60
C ASP B 290 -24.83 9.13 40.19
N PHE B 291 -24.62 8.89 38.89
CA PHE B 291 -24.69 7.55 38.33
C PHE B 291 -23.29 7.09 37.95
N PRO B 292 -22.65 6.30 38.83
CA PRO B 292 -21.23 5.94 38.73
C PRO B 292 -20.88 4.82 37.74
N ASP B 293 -21.81 3.92 37.44
CA ASP B 293 -21.48 2.75 36.62
C ASP B 293 -21.90 2.92 35.15
N LEU B 294 -21.91 4.17 34.70
CA LEU B 294 -22.14 4.47 33.30
C LEU B 294 -20.81 4.47 32.57
N GLU B 295 -20.74 3.76 31.46
CA GLU B 295 -19.53 3.76 30.67
C GLU B 295 -19.80 4.19 29.25
N VAL B 296 -18.78 4.73 28.60
CA VAL B 296 -18.90 5.17 27.23
C VAL B 296 -18.52 4.00 26.34
N CYS B 297 -19.50 3.38 25.71
CA CYS B 297 -19.25 2.33 24.73
C CYS B 297 -18.87 2.90 23.36
N VAL B 298 -19.61 3.90 22.91
CA VAL B 298 -19.35 4.45 21.59
C VAL B 298 -19.35 5.98 21.62
N TYR B 299 -18.21 6.57 21.23
CA TYR B 299 -18.18 8.01 20.99
C TYR B 299 -18.71 8.25 19.57
N ALA B 300 -20.00 8.58 19.47
CA ALA B 300 -20.74 8.55 18.20
C ALA B 300 -20.64 9.85 17.42
N ALA B 301 -20.94 10.95 18.11
CA ALA B 301 -20.86 12.29 17.58
C ALA B 301 -20.33 13.15 18.74
N PRO B 302 -20.04 14.45 18.50
CA PRO B 302 -19.59 15.23 19.66
C PRO B 302 -20.70 15.38 20.71
N THR B 303 -21.97 15.33 20.29
CA THR B 303 -23.07 15.36 21.26
C THR B 303 -23.98 14.12 21.21
N GLN B 304 -23.41 12.97 20.88
CA GLN B 304 -24.15 11.70 20.91
C GLN B 304 -23.24 10.59 21.42
N THR B 305 -23.74 9.78 22.35
CA THR B 305 -22.90 8.76 22.98
C THR B 305 -23.67 7.45 23.19
N VAL B 306 -22.99 6.35 22.96
CA VAL B 306 -23.58 5.08 23.32
C VAL B 306 -23.05 4.70 24.68
N ILE B 307 -23.95 4.68 25.65
CA ILE B 307 -23.60 4.38 27.03
C ILE B 307 -23.98 2.97 27.45
N GLY B 308 -23.16 2.38 28.30
CA GLY B 308 -23.53 1.18 29.05
C GLY B 308 -23.73 1.51 30.54
N GLY B 309 -24.61 0.77 31.20
CA GLY B 309 -24.82 0.94 32.64
C GLY B 309 -26.01 0.15 33.21
N PRO B 310 -26.08 0.03 34.55
CA PRO B 310 -27.20 -0.60 35.26
C PRO B 310 -28.55 0.09 35.00
N PRO B 311 -29.60 -0.71 34.71
CA PRO B 311 -30.94 -0.22 34.31
C PRO B 311 -31.39 1.10 34.96
N GLU B 312 -31.46 1.14 36.29
CA GLU B 312 -31.92 2.33 37.00
C GLU B 312 -31.14 3.58 36.61
N GLN B 313 -29.83 3.43 36.38
CA GLN B 313 -28.98 4.56 35.97
C GLN B 313 -29.28 4.98 34.51
N VAL B 314 -29.11 4.04 33.58
CA VAL B 314 -29.45 4.25 32.17
C VAL B 314 -30.84 4.87 32.01
N ASP B 315 -31.83 4.37 32.75
CA ASP B 315 -33.21 4.89 32.67
C ASP B 315 -33.33 6.33 33.13
N ALA B 316 -32.61 6.68 34.20
CA ALA B 316 -32.60 8.05 34.69
C ALA B 316 -32.08 9.00 33.62
N ILE B 317 -31.10 8.54 32.84
CA ILE B 317 -30.56 9.31 31.73
C ILE B 317 -31.60 9.52 30.63
N LEU B 318 -32.40 8.48 30.37
CA LEU B 318 -33.48 8.57 29.36
C LEU B 318 -34.58 9.55 29.79
N ALA B 319 -34.85 9.59 31.09
CA ALA B 319 -35.77 10.58 31.65
C ALA B 319 -35.26 12.00 31.39
N ARG B 320 -34.04 12.30 31.82
CA ARG B 320 -33.45 13.64 31.64
C ARG B 320 -33.41 14.02 30.15
N ALA B 321 -33.14 13.03 29.29
CA ALA B 321 -33.10 13.24 27.84
C ALA B 321 -34.48 13.62 27.30
N GLU B 322 -35.50 12.89 27.74
CA GLU B 322 -36.87 13.16 27.36
C GLU B 322 -37.25 14.59 27.72
N ALA B 323 -37.22 14.88 29.03
CA ALA B 323 -37.65 16.18 29.55
C ALA B 323 -36.81 17.35 29.07
N GLU B 324 -35.57 17.10 28.65
CA GLU B 324 -34.71 18.13 28.07
C GLU B 324 -34.89 18.25 26.56
N GLY B 325 -35.85 17.50 26.02
CA GLY B 325 -36.15 17.52 24.59
C GLY B 325 -35.14 16.76 23.75
N LYS B 326 -34.12 16.20 24.40
CA LYS B 326 -33.03 15.52 23.70
C LYS B 326 -33.37 14.11 23.18
N PHE B 327 -32.49 13.56 22.34
CA PHE B 327 -32.72 12.28 21.66
C PHE B 327 -32.19 11.11 22.49
N ALA B 328 -32.91 9.99 22.41
CA ALA B 328 -32.61 8.79 23.21
C ALA B 328 -33.19 7.50 22.59
N ARG B 329 -32.39 6.43 22.56
CA ARG B 329 -32.81 5.14 22.03
C ARG B 329 -32.18 4.02 22.86
N LYS B 330 -32.99 3.37 23.69
CA LYS B 330 -32.54 2.17 24.42
C LYS B 330 -32.40 1.00 23.44
N PHE B 331 -31.29 0.27 23.52
CA PHE B 331 -31.09 -0.93 22.71
C PHE B 331 -31.55 -2.22 23.40
N ALA B 332 -32.11 -3.13 22.61
CA ALA B 332 -32.54 -4.43 23.14
C ALA B 332 -31.35 -5.36 23.49
N THR B 333 -30.67 -5.03 24.60
CA THR B 333 -29.69 -5.92 25.25
C THR B 333 -29.71 -5.67 26.74
N LYS B 334 -29.29 -6.67 27.51
CA LYS B 334 -29.04 -6.49 28.92
C LYS B 334 -27.54 -6.74 29.20
N GLY B 335 -26.75 -6.70 28.13
CA GLY B 335 -25.29 -6.72 28.17
C GLY B 335 -24.72 -5.49 27.47
N ALA B 336 -23.58 -5.01 27.94
CA ALA B 336 -22.95 -3.79 27.44
C ALA B 336 -21.55 -4.02 26.88
N SER B 337 -21.46 -4.18 25.56
CA SER B 337 -20.17 -4.37 24.90
C SER B 337 -19.26 -3.17 25.07
N HIS B 338 -17.97 -3.36 24.76
CA HIS B 338 -16.96 -2.30 24.87
C HIS B 338 -16.77 -1.83 26.29
N THR B 339 -17.10 -2.73 27.22
CA THR B 339 -16.78 -2.55 28.63
C THR B 339 -16.09 -3.81 29.13
N SER B 340 -15.65 -3.77 30.40
CA SER B 340 -14.97 -4.91 31.04
C SER B 340 -15.84 -6.16 31.12
N GLN B 341 -17.15 -5.97 31.04
CA GLN B 341 -18.09 -7.07 31.04
C GLN B 341 -17.80 -8.09 29.95
N MET B 342 -16.94 -7.74 29.01
CA MET B 342 -16.62 -8.67 27.91
C MET B 342 -15.47 -9.61 28.27
N ASP B 343 -14.74 -9.29 29.34
CA ASP B 343 -13.51 -10.01 29.75
C ASP B 343 -13.60 -11.54 29.79
N PRO B 344 -14.71 -12.09 30.32
CA PRO B 344 -14.86 -13.55 30.25
C PRO B 344 -14.87 -14.13 28.83
N LEU B 345 -15.25 -13.34 27.83
CA LEU B 345 -15.34 -13.82 26.44
C LEU B 345 -14.00 -13.92 25.75
N LEU B 346 -13.07 -13.08 26.16
CA LEU B 346 -11.78 -12.94 25.50
C LEU B 346 -11.01 -14.25 25.28
N GLY B 347 -10.96 -15.10 26.30
CA GLY B 347 -10.23 -16.36 26.22
C GLY B 347 -10.70 -17.23 25.07
N GLU B 348 -12.03 -17.35 24.94
CA GLU B 348 -12.62 -18.22 23.94
C GLU B 348 -12.49 -17.63 22.53
N LEU B 349 -12.76 -16.33 22.40
CA LEU B 349 -12.56 -15.60 21.13
C LEU B 349 -11.15 -15.82 20.60
N THR B 350 -10.16 -15.76 21.49
CA THR B 350 -8.77 -15.97 21.12
C THR B 350 -8.60 -17.34 20.48
N ALA B 351 -9.25 -18.35 21.04
CA ALA B 351 -9.13 -19.72 20.53
C ALA B 351 -9.89 -19.90 19.21
N GLU B 352 -11.11 -19.37 19.16
CA GLU B 352 -11.93 -19.46 17.95
C GLU B 352 -11.33 -18.73 16.74
N LEU B 353 -10.42 -17.78 16.99
CA LEU B 353 -9.80 -16.97 15.93
C LEU B 353 -8.37 -17.38 15.60
N GLN B 354 -7.93 -18.51 16.14
CA GLN B 354 -6.60 -19.03 15.86
C GLN B 354 -6.40 -19.32 14.39
N GLY B 355 -5.22 -18.94 13.88
CA GLY B 355 -4.88 -19.19 12.49
C GLY B 355 -5.54 -18.30 11.43
N ILE B 356 -6.25 -17.23 11.85
CA ILE B 356 -6.68 -16.21 10.87
C ILE B 356 -5.42 -15.60 10.27
N LYS B 357 -5.49 -15.29 8.97
CA LYS B 357 -4.35 -14.74 8.26
C LYS B 357 -4.56 -13.25 7.94
N PRO B 358 -4.15 -12.35 8.87
CA PRO B 358 -4.26 -10.91 8.60
C PRO B 358 -3.20 -10.46 7.59
N THR B 359 -3.62 -9.59 6.67
CA THR B 359 -2.80 -9.21 5.55
C THR B 359 -2.65 -7.69 5.54
N SER B 360 -1.64 -7.22 4.81
CA SER B 360 -1.35 -5.79 4.69
C SER B 360 -2.48 -5.03 4.01
N PRO B 361 -3.05 -4.01 4.68
CA PRO B 361 -4.19 -3.23 4.18
C PRO B 361 -3.88 -2.54 2.86
N THR B 362 -4.85 -2.59 1.95
CA THR B 362 -4.70 -2.04 0.61
C THR B 362 -5.38 -0.68 0.45
N CYS B 363 -6.12 -0.27 1.47
CA CYS B 363 -6.54 1.12 1.54
C CYS B 363 -6.31 1.66 2.94
N GLY B 364 -6.44 2.97 3.11
CA GLY B 364 -6.25 3.56 4.41
C GLY B 364 -7.37 3.15 5.33
N ILE B 365 -7.05 3.08 6.63
CA ILE B 365 -8.01 2.72 7.65
C ILE B 365 -8.01 3.78 8.73
N PHE B 366 -9.20 4.24 9.09
CA PHE B 366 -9.37 4.99 10.32
C PHE B 366 -9.91 4.00 11.35
N SER B 367 -8.99 3.52 12.19
CA SER B 367 -9.26 2.48 13.18
C SER B 367 -9.89 3.07 14.44
N THR B 368 -11.18 2.84 14.63
CA THR B 368 -11.89 3.35 15.81
C THR B 368 -11.58 2.48 17.03
N VAL B 369 -10.88 1.37 16.79
CA VAL B 369 -10.35 0.51 17.85
C VAL B 369 -9.14 1.23 18.42
N HIS B 370 -8.15 1.49 17.56
CA HIS B 370 -6.93 2.19 17.96
C HIS B 370 -7.10 3.68 18.05
N GLU B 371 -8.18 4.10 18.72
CA GLU B 371 -8.34 5.49 19.13
C GLU B 371 -8.59 6.46 17.98
N GLY B 372 -9.15 5.95 16.88
CA GLY B 372 -9.50 6.79 15.72
C GLY B 372 -8.35 7.16 14.80
N ARG B 373 -7.16 6.64 15.07
CA ARG B 373 -5.94 6.99 14.30
C ARG B 373 -5.94 6.48 12.85
N TYR B 374 -5.19 7.17 11.99
CA TYR B 374 -5.08 6.79 10.60
C TYR B 374 -3.94 5.79 10.45
N ILE B 375 -4.16 4.79 9.62
CA ILE B 375 -3.13 3.85 9.26
C ILE B 375 -3.04 3.80 7.73
N LYS B 376 -1.86 4.15 7.21
CA LYS B 376 -1.59 4.17 5.77
C LYS B 376 -1.64 2.78 5.17
N PRO B 377 -2.12 2.65 3.92
CA PRO B 377 -2.11 1.36 3.24
C PRO B 377 -0.70 0.80 3.02
N GLY B 378 -0.59 -0.52 2.92
CA GLY B 378 0.69 -1.17 2.68
C GLY B 378 1.54 -1.38 3.91
N GLY B 379 1.13 -0.82 5.04
CA GLY B 379 1.82 -1.03 6.33
C GLY B 379 1.69 -2.45 6.84
N GLU B 380 2.26 -2.72 8.02
CA GLU B 380 2.15 -4.06 8.65
C GLU B 380 0.67 -4.41 8.95
N PRO B 381 0.29 -5.70 8.80
CA PRO B 381 -1.12 -6.09 9.03
C PRO B 381 -1.56 -5.75 10.45
N ILE B 382 -2.82 -5.36 10.62
CA ILE B 382 -3.27 -4.86 11.92
C ILE B 382 -4.43 -5.67 12.49
N HIS B 383 -5.08 -6.48 11.64
CA HIS B 383 -6.32 -7.15 12.03
C HIS B 383 -6.09 -8.44 12.78
N ASP B 384 -5.36 -8.29 13.89
CA ASP B 384 -4.96 -9.33 14.83
C ASP B 384 -6.07 -10.04 15.52
N VAL B 385 -5.72 -11.19 16.08
CA VAL B 385 -6.50 -11.80 17.13
C VAL B 385 -6.55 -10.78 18.28
N GLU B 386 -5.38 -10.25 18.65
CA GLU B 386 -5.28 -9.17 19.64
C GLU B 386 -6.14 -7.95 19.30
N TYR B 387 -6.08 -7.52 18.03
CA TYR B 387 -6.95 -6.46 17.51
C TYR B 387 -8.42 -6.72 17.81
N TRP B 388 -8.89 -7.90 17.47
CA TRP B 388 -10.28 -8.24 17.67
C TRP B 388 -10.68 -8.29 19.11
N LYS B 389 -9.70 -8.48 20.00
CA LYS B 389 -9.94 -8.49 21.44
C LYS B 389 -10.11 -7.08 22.02
N LYS B 390 -9.17 -6.20 21.68
CA LYS B 390 -9.24 -4.79 22.07
C LYS B 390 -10.54 -4.14 21.56
N GLY B 391 -10.95 -4.55 20.36
CA GLY B 391 -12.15 -4.05 19.72
C GLY B 391 -13.37 -4.35 20.57
N LEU B 392 -13.54 -5.63 20.89
CA LEU B 392 -14.65 -6.09 21.72
C LEU B 392 -14.63 -5.46 23.10
N ARG B 393 -13.44 -5.41 23.71
CA ARG B 393 -13.22 -4.98 25.09
C ARG B 393 -13.31 -3.47 25.30
N HIS B 394 -12.59 -2.69 24.48
CA HIS B 394 -12.46 -1.24 24.71
C HIS B 394 -13.43 -0.37 23.95
N SER B 395 -13.39 0.93 24.25
CA SER B 395 -14.29 1.92 23.65
C SER B 395 -14.16 2.10 22.13
N VAL B 396 -15.29 2.40 21.50
CA VAL B 396 -15.38 2.67 20.06
C VAL B 396 -15.23 4.17 19.81
N TYR B 397 -14.08 4.57 19.28
CA TYR B 397 -13.76 5.97 19.05
C TYR B 397 -14.18 6.45 17.65
N PHE B 398 -15.46 6.76 17.49
CA PHE B 398 -15.97 7.06 16.16
C PHE B 398 -15.74 8.52 15.73
N THR B 399 -16.22 9.45 16.55
CA THR B 399 -15.99 10.87 16.32
C THR B 399 -14.52 11.15 16.05
N HIS B 400 -13.65 10.39 16.70
CA HIS B 400 -12.22 10.55 16.55
C HIS B 400 -11.77 10.23 15.16
N GLY B 401 -12.27 9.10 14.64
CA GLY B 401 -11.93 8.65 13.30
C GLY B 401 -12.43 9.62 12.25
N ILE B 402 -13.66 10.10 12.45
CA ILE B 402 -14.28 11.06 11.54
C ILE B 402 -13.49 12.36 11.54
N ARG B 403 -13.29 12.95 12.72
CA ARG B 403 -12.57 14.22 12.84
C ARG B 403 -11.23 14.07 12.15
N ASN B 404 -10.59 12.94 12.39
CA ASN B 404 -9.31 12.65 11.79
C ASN B 404 -9.39 12.58 10.26
N ALA B 405 -10.48 11.98 9.75
CA ALA B 405 -10.71 11.87 8.32
C ALA B 405 -10.87 13.23 7.66
N VAL B 406 -11.60 14.12 8.30
CA VAL B 406 -11.68 15.52 7.89
C VAL B 406 -10.33 16.22 7.89
N ASP B 407 -9.62 16.20 9.01
CA ASP B 407 -8.31 16.83 9.10
C ASP B 407 -7.32 16.34 8.03
N SER B 408 -7.66 15.26 7.34
CA SER B 408 -6.85 14.82 6.20
C SER B 408 -7.56 15.15 4.87
N GLY B 409 -8.60 15.97 4.96
CA GLY B 409 -9.32 16.45 3.78
C GLY B 409 -10.25 15.47 3.09
N HIS B 410 -10.71 14.43 3.79
CA HIS B 410 -11.78 13.60 3.26
C HIS B 410 -13.07 14.33 3.39
N THR B 411 -13.89 14.31 2.34
CA THR B 411 -15.13 15.07 2.35
C THR B 411 -16.33 14.20 2.03
N THR B 412 -16.05 13.08 1.33
CA THR B 412 -17.09 12.13 0.98
C THR B 412 -17.09 10.94 1.95
N PHE B 413 -18.23 10.76 2.60
CA PHE B 413 -18.45 9.64 3.51
C PHE B 413 -19.66 8.87 3.05
N LEU B 414 -19.46 7.57 2.84
CA LEU B 414 -20.52 6.68 2.32
C LEU B 414 -20.81 5.53 3.27
N GLU B 415 -22.06 5.42 3.72
CA GLU B 415 -22.42 4.33 4.62
C GLU B 415 -23.07 3.13 3.94
N LEU B 416 -22.39 2.00 4.07
CA LEU B 416 -22.90 0.69 3.68
C LEU B 416 -23.70 0.15 4.87
N ALA B 417 -25.02 0.16 4.73
CA ALA B 417 -25.88 -0.24 5.82
C ALA B 417 -27.31 -0.49 5.32
N PRO B 418 -28.10 -1.28 6.08
CA PRO B 418 -29.53 -1.45 5.80
C PRO B 418 -30.34 -0.22 6.19
N ASN B 419 -29.76 0.61 7.04
CA ASN B 419 -30.36 1.84 7.45
C ASN B 419 -29.18 2.71 7.78
N PRO B 420 -29.23 3.99 7.42
CA PRO B 420 -28.02 4.77 7.59
C PRO B 420 -28.01 5.59 8.89
N VAL B 421 -28.03 4.90 10.03
CA VAL B 421 -28.07 5.59 11.34
C VAL B 421 -26.77 6.31 11.68
N ALA B 422 -25.63 5.66 11.42
CA ALA B 422 -24.30 6.25 11.64
C ALA B 422 -23.97 7.45 10.75
N LEU B 423 -24.61 7.55 9.58
CA LEU B 423 -24.34 8.70 8.70
C LEU B 423 -24.72 10.03 9.35
N MET B 424 -25.90 10.08 9.98
CA MET B 424 -26.37 11.27 10.68
C MET B 424 -25.38 11.73 11.74
N GLN B 425 -24.74 10.79 12.41
CA GLN B 425 -23.75 11.10 13.43
C GLN B 425 -22.48 11.64 12.81
N VAL B 426 -22.18 11.19 11.58
CA VAL B 426 -21.03 11.68 10.81
C VAL B 426 -21.25 13.17 10.45
N ALA B 427 -22.48 13.49 10.05
CA ALA B 427 -22.87 14.84 9.68
C ALA B 427 -22.59 15.77 10.82
N LEU B 428 -22.88 15.30 12.03
CA LEU B 428 -22.74 16.12 13.22
C LEU B 428 -21.29 16.37 13.50
N THR B 429 -20.47 15.35 13.28
CA THR B 429 -19.04 15.46 13.51
C THR B 429 -18.35 16.34 12.49
N THR B 430 -18.87 16.35 11.26
CA THR B 430 -18.27 17.17 10.19
C THR B 430 -18.58 18.66 10.34
N ALA B 431 -19.84 18.99 10.62
CA ALA B 431 -20.24 20.37 10.86
C ALA B 431 -19.42 20.90 12.01
N ASP B 432 -19.39 20.12 13.08
CA ASP B 432 -18.63 20.45 14.27
C ASP B 432 -17.15 20.66 13.97
N ALA B 433 -16.61 19.94 12.99
CA ALA B 433 -15.20 20.09 12.67
C ALA B 433 -14.95 21.18 11.64
N GLY B 434 -16.02 21.88 11.24
CA GLY B 434 -15.88 22.98 10.29
C GLY B 434 -16.37 22.72 8.87
N LEU B 435 -16.55 21.45 8.53
CA LEU B 435 -16.84 21.03 7.17
C LEU B 435 -18.34 20.92 6.93
N HIS B 436 -18.92 21.99 6.40
CA HIS B 436 -20.37 22.11 6.28
C HIS B 436 -20.92 21.62 4.96
N ASP B 437 -20.05 21.25 4.04
CA ASP B 437 -20.52 20.71 2.76
C ASP B 437 -20.00 19.31 2.46
N ALA B 438 -19.98 18.43 3.46
CA ALA B 438 -19.54 17.05 3.25
C ALA B 438 -20.48 16.28 2.33
N GLN B 439 -19.92 15.40 1.52
CA GLN B 439 -20.74 14.52 0.70
C GLN B 439 -21.13 13.29 1.54
N LEU B 440 -22.37 13.27 1.99
CA LEU B 440 -22.82 12.19 2.87
C LEU B 440 -23.75 11.28 2.11
N ILE B 441 -23.27 10.06 1.83
CA ILE B 441 -23.95 9.15 0.90
C ILE B 441 -24.45 7.88 1.60
N PRO B 442 -25.78 7.79 1.80
CA PRO B 442 -26.35 6.58 2.37
C PRO B 442 -26.45 5.51 1.31
N THR B 443 -26.61 4.26 1.74
CA THR B 443 -27.01 3.18 0.83
C THR B 443 -28.48 2.89 1.13
N LEU B 444 -28.75 1.74 1.75
CA LEU B 444 -30.11 1.32 1.98
C LEU B 444 -30.76 2.03 3.16
N ALA B 445 -32.08 2.12 3.10
CA ALA B 445 -32.84 2.76 4.14
C ALA B 445 -34.18 2.05 4.34
N ARG B 446 -34.50 1.75 5.59
CA ARG B 446 -35.84 1.27 5.93
C ARG B 446 -36.83 2.24 5.28
N LYS B 447 -37.91 1.70 4.72
CA LYS B 447 -38.96 2.53 4.12
C LYS B 447 -38.60 3.09 2.74
N GLN B 448 -37.38 2.85 2.28
CA GLN B 448 -36.98 3.28 0.92
C GLN B 448 -36.84 2.11 -0.02
N ASP B 449 -37.10 2.34 -1.30
CA ASP B 449 -36.93 1.28 -2.28
C ASP B 449 -35.45 1.01 -2.49
N GLU B 450 -35.05 -0.20 -2.12
CA GLU B 450 -33.66 -0.56 -2.05
C GLU B 450 -32.92 -0.39 -3.39
N VAL B 451 -33.58 -0.72 -4.50
CA VAL B 451 -32.98 -0.69 -5.84
C VAL B 451 -32.71 0.74 -6.33
N SER B 452 -33.69 1.63 -6.13
CA SER B 452 -33.51 3.04 -6.43
C SER B 452 -32.63 3.76 -5.43
N SER B 453 -32.36 3.14 -4.28
CA SER B 453 -31.51 3.76 -3.28
C SER B 453 -30.08 3.56 -3.69
N MET B 454 -29.81 2.43 -4.31
CA MET B 454 -28.46 2.16 -4.77
C MET B 454 -28.22 2.96 -6.05
N VAL B 455 -29.29 3.31 -6.77
CA VAL B 455 -29.15 4.16 -7.94
C VAL B 455 -28.65 5.51 -7.45
N SER B 456 -29.38 6.11 -6.50
CA SER B 456 -28.98 7.35 -5.87
C SER B 456 -27.50 7.33 -5.47
N THR B 457 -27.14 6.32 -4.68
CA THR B 457 -25.79 6.16 -4.16
C THR B 457 -24.74 6.32 -5.23
N MET B 458 -24.90 5.59 -6.33
CA MET B 458 -23.88 5.49 -7.35
C MET B 458 -23.80 6.76 -8.19
N ALA B 459 -24.94 7.44 -8.28
CA ALA B 459 -25.04 8.67 -9.01
C ALA B 459 -24.23 9.72 -8.26
N GLN B 460 -24.39 9.75 -6.94
CA GLN B 460 -23.65 10.68 -6.10
C GLN B 460 -22.14 10.52 -6.31
N LEU B 461 -21.67 9.28 -6.27
CA LEU B 461 -20.28 8.95 -6.56
C LEU B 461 -19.81 9.48 -7.91
N TYR B 462 -20.73 9.49 -8.88
CA TYR B 462 -20.39 9.89 -10.23
C TYR B 462 -20.22 11.40 -10.25
N VAL B 463 -21.22 12.10 -9.73
CA VAL B 463 -21.19 13.56 -9.70
C VAL B 463 -19.89 14.13 -9.10
N TYR B 464 -19.47 13.60 -7.95
CA TYR B 464 -18.30 14.11 -7.25
C TYR B 464 -17.02 13.60 -7.85
N GLY B 465 -17.17 12.90 -8.98
CA GLY B 465 -16.04 12.36 -9.71
C GLY B 465 -15.29 11.24 -9.02
N HIS B 466 -15.95 10.50 -8.14
CA HIS B 466 -15.30 9.30 -7.61
C HIS B 466 -15.39 8.17 -8.60
N ASP B 467 -14.50 7.19 -8.47
CA ASP B 467 -14.53 6.04 -9.40
C ASP B 467 -15.93 5.46 -9.40
N LEU B 468 -16.49 5.33 -10.60
CA LEU B 468 -17.83 4.82 -10.80
C LEU B 468 -18.05 4.84 -12.31
N ASP B 469 -18.21 3.67 -12.90
CA ASP B 469 -18.53 3.61 -14.32
C ASP B 469 -20.05 3.64 -14.49
N ILE B 470 -20.55 4.80 -14.89
CA ILE B 470 -21.99 4.99 -15.01
C ILE B 470 -22.59 4.31 -16.26
N ARG B 471 -21.72 3.90 -17.19
CA ARG B 471 -22.20 3.12 -18.32
C ARG B 471 -22.86 1.86 -17.74
N THR B 472 -22.28 1.34 -16.65
CA THR B 472 -22.76 0.10 -16.02
C THR B 472 -24.10 0.18 -15.27
N LEU B 473 -24.71 1.38 -15.21
CA LEU B 473 -26.08 1.49 -14.66
C LEU B 473 -27.15 1.19 -15.69
N PHE B 474 -26.73 0.74 -16.86
CA PHE B 474 -27.64 0.41 -17.95
C PHE B 474 -27.25 -0.91 -18.55
N SER B 475 -28.24 -1.72 -18.88
CA SER B 475 -27.99 -2.93 -19.64
C SER B 475 -27.30 -2.53 -20.94
N ARG B 476 -26.31 -3.31 -21.34
CA ARG B 476 -25.74 -3.17 -22.67
C ARG B 476 -26.86 -3.06 -23.72
N ALA B 477 -26.69 -2.21 -24.71
CA ALA B 477 -27.69 -2.06 -25.78
C ALA B 477 -27.75 -3.30 -26.68
N SER B 478 -28.97 -3.66 -27.06
CA SER B 478 -29.26 -4.87 -27.87
C SER B 478 -29.69 -4.48 -29.28
N GLY B 479 -29.88 -3.17 -29.48
CA GLY B 479 -30.37 -2.65 -30.73
C GLY B 479 -30.30 -1.14 -30.67
N PRO B 480 -30.54 -0.48 -31.82
CA PRO B 480 -30.58 0.98 -31.86
C PRO B 480 -31.68 1.53 -30.97
N GLN B 481 -32.77 0.79 -30.79
CA GLN B 481 -33.86 1.25 -29.92
C GLN B 481 -33.41 1.52 -28.46
N ASP B 482 -32.21 1.04 -28.10
CA ASP B 482 -31.69 1.25 -26.74
C ASP B 482 -30.97 2.61 -26.57
N TYR B 483 -30.86 3.35 -27.67
CA TYR B 483 -30.22 4.67 -27.63
C TYR B 483 -31.17 5.75 -28.12
N ALA B 484 -31.55 6.68 -27.26
CA ALA B 484 -32.26 7.88 -27.73
C ALA B 484 -31.36 8.71 -28.67
N ASN B 485 -31.97 9.40 -29.62
CA ASN B 485 -31.21 10.28 -30.52
C ASN B 485 -31.15 11.66 -29.91
N ILE B 486 -30.42 11.78 -28.80
CA ILE B 486 -30.26 13.07 -28.16
C ILE B 486 -29.27 13.86 -29.02
N PRO B 487 -29.45 15.19 -29.13
CA PRO B 487 -28.54 15.88 -30.02
C PRO B 487 -27.23 16.22 -29.30
N PRO B 488 -26.11 16.30 -30.04
CA PRO B 488 -24.84 16.65 -29.41
C PRO B 488 -24.79 18.14 -29.12
N THR B 489 -23.64 18.65 -28.67
CA THR B 489 -23.51 20.09 -28.46
C THR B 489 -22.29 20.70 -29.17
N ARG B 490 -21.88 21.87 -28.68
CA ARG B 490 -20.58 22.47 -28.98
C ARG B 490 -19.90 22.79 -27.62
N PHE B 491 -19.27 21.78 -27.02
CA PHE B 491 -18.73 21.89 -25.66
C PHE B 491 -17.33 22.51 -25.63
N ASP C 2 -35.54 14.25 11.93
CA ASP C 2 -34.49 13.88 10.95
C ASP C 2 -34.76 12.55 10.24
N LYS C 3 -34.63 12.57 8.91
CA LYS C 3 -34.84 11.38 8.07
C LYS C 3 -34.09 11.51 6.74
N GLU C 4 -33.68 10.37 6.18
CA GLU C 4 -33.12 10.33 4.83
C GLU C 4 -34.28 10.15 3.83
N ASN C 5 -34.28 10.95 2.75
CA ASN C 5 -35.27 10.78 1.66
C ASN C 5 -34.87 9.67 0.67
N PHE C 6 -35.66 9.43 -0.37
CA PHE C 6 -35.32 8.31 -1.26
C PHE C 6 -34.18 8.57 -2.25
N TRP C 7 -33.53 9.71 -2.06
CA TRP C 7 -32.27 10.05 -2.72
C TRP C 7 -31.18 9.86 -1.73
N GLY C 8 -31.51 10.08 -0.48
CA GLY C 8 -30.55 9.95 0.58
C GLY C 8 -29.83 11.26 0.84
N MET C 9 -30.60 12.29 1.19
CA MET C 9 -30.04 13.45 1.87
C MET C 9 -30.81 13.71 3.16
N ALA C 10 -30.15 14.33 4.15
CA ALA C 10 -30.79 14.71 5.40
C ALA C 10 -31.99 15.65 5.14
N VAL C 11 -33.19 15.20 5.53
CA VAL C 11 -34.45 15.95 5.36
C VAL C 11 -35.31 15.89 6.62
#